data_2PBL
#
_entry.id   2PBL
#
_cell.length_a   77.197
_cell.length_b   74.438
_cell.length_c   95.727
_cell.angle_alpha   90.000
_cell.angle_beta   113.390
_cell.angle_gamma   90.000
#
_symmetry.space_group_name_H-M   'P 1 21 1'
#
loop_
_entity.id
_entity.type
_entity.pdbx_description
1 polymer 'Putative esterase/lipase/thioesterase'
2 non-polymer 'CHLORIDE ION'
3 non-polymer 'UNKNOWN LIGAND'
4 non-polymer 'MAGNESIUM ION'
5 non-polymer 'PHOSPHATE ION'
6 water water
#
_entity_poly.entity_id   1
_entity_poly.type   'polypeptide(L)'
_entity_poly.pdbx_seq_one_letter_code
;G(MSE)ELDDAYANGAYIEGAADYPPRWAASAEDFRNSLQDRARLNLSYGEGDRHKFDLFLPEGTPVGLFVFVHGGYW
(MSE)AFDKSSWSHLAVGALSKGWAVA(MSE)PSYELCPEVRISEITQQISQAVTAAAKEIDGPIVLAGHSAGGHLVAR
(MSE)LDPEVLPEAVGARIRNVVPISPLSDLRPLLRTS(MSE)NEKFK(MSE)DADAAIAESPVE(MSE)QNRYDAKVTV
WVGGAERPAFLDQAIWLVEAWDADHVIAFEKHHFNVIEPLADPESDLVAVITA
;
_entity_poly.pdbx_strand_id   A,B,C,D
#
loop_
_chem_comp.id
_chem_comp.type
_chem_comp.name
_chem_comp.formula
CL non-polymer 'CHLORIDE ION' 'Cl -1'
MG non-polymer 'MAGNESIUM ION' 'Mg 2'
PO4 non-polymer 'PHOSPHATE ION' 'O4 P -3'
UNL non-polymer 'UNKNOWN LIGAND' ?
#
# COMPACT_ATOMS: atom_id res chain seq x y z
N GLY A 1 -33.77 -22.62 -11.70
CA GLY A 1 -34.66 -23.62 -11.06
C GLY A 1 -34.03 -24.98 -11.00
N MSE A 2 -33.82 -25.61 -12.18
CA MSE A 2 -33.24 -26.95 -12.28
C MSE A 2 -32.62 -27.37 -13.65
O MSE A 2 -32.07 -28.46 -13.78
CB MSE A 2 -34.26 -28.01 -11.83
N GLU A 3 -32.67 -26.52 -14.66
CA GLU A 3 -32.11 -26.81 -15.98
C GLU A 3 -30.65 -27.33 -15.96
N LEU A 4 -29.83 -26.77 -15.07
CA LEU A 4 -28.41 -27.14 -14.98
C LEU A 4 -28.04 -28.06 -13.86
N ASP A 5 -29.03 -28.70 -13.24
CA ASP A 5 -28.74 -29.62 -12.19
C ASP A 5 -27.82 -30.74 -12.63
N ASP A 6 -28.16 -31.36 -13.75
CA ASP A 6 -27.37 -32.51 -14.22
C ASP A 6 -25.94 -32.08 -14.60
N ALA A 7 -25.81 -30.93 -15.25
CA ALA A 7 -24.52 -30.33 -15.67
C ALA A 7 -23.56 -30.13 -14.50
N TYR A 8 -24.08 -29.67 -13.35
CA TYR A 8 -23.26 -29.46 -12.14
C TYR A 8 -23.17 -30.64 -11.17
N ALA A 9 -23.76 -31.78 -11.54
CA ALA A 9 -23.74 -32.94 -10.68
C ALA A 9 -22.44 -33.67 -10.95
N ASN A 10 -21.59 -33.80 -9.93
CA ASN A 10 -20.35 -34.52 -10.07
C ASN A 10 -20.46 -36.00 -9.76
N GLY A 11 -20.90 -36.31 -8.54
CA GLY A 11 -21.07 -37.68 -8.07
C GLY A 11 -21.75 -38.67 -9.00
N ALA A 12 -22.83 -38.23 -9.63
CA ALA A 12 -23.60 -39.07 -10.57
C ALA A 12 -22.77 -39.60 -11.72
N TYR A 13 -21.65 -38.94 -12.02
CA TYR A 13 -20.76 -39.32 -13.12
C TYR A 13 -19.41 -39.86 -12.71
N ILE A 14 -19.25 -40.13 -11.42
CA ILE A 14 -17.98 -40.60 -10.91
C ILE A 14 -18.19 -41.98 -10.34
N GLU A 15 -17.44 -42.95 -10.87
CA GLU A 15 -17.55 -44.31 -10.37
C GLU A 15 -16.98 -44.33 -8.96
N GLY A 16 -17.74 -44.92 -8.05
CA GLY A 16 -17.35 -45.01 -6.64
C GLY A 16 -17.52 -43.71 -5.88
N ALA A 17 -18.33 -42.80 -6.43
CA ALA A 17 -18.55 -41.50 -5.81
C ALA A 17 -18.90 -41.59 -4.30
N ALA A 18 -19.76 -42.55 -3.99
CA ALA A 18 -20.26 -42.80 -2.63
C ALA A 18 -19.19 -43.14 -1.62
N ASP A 19 -18.10 -43.68 -2.11
CA ASP A 19 -17.04 -44.08 -1.24
C ASP A 19 -16.09 -42.96 -0.86
N TYR A 20 -16.07 -41.86 -1.60
CA TYR A 20 -15.10 -40.80 -1.27
C TYR A 20 -15.26 -40.18 0.14
N PRO A 21 -16.45 -39.73 0.52
CA PRO A 21 -16.62 -39.11 1.83
C PRO A 21 -16.12 -39.94 3.00
N PRO A 22 -16.54 -41.21 3.08
CA PRO A 22 -16.04 -41.97 4.21
C PRO A 22 -14.53 -42.18 4.20
N ARG A 23 -13.96 -42.38 3.02
CA ARG A 23 -12.53 -42.64 2.94
C ARG A 23 -11.71 -41.38 3.24
N TRP A 24 -12.22 -40.24 2.82
CA TRP A 24 -11.55 -38.96 3.13
C TRP A 24 -11.52 -38.73 4.61
N ALA A 25 -12.68 -38.94 5.25
CA ALA A 25 -12.84 -38.75 6.70
C ALA A 25 -11.91 -39.63 7.44
N ALA A 26 -11.83 -40.90 7.04
CA ALA A 26 -10.94 -41.85 7.67
C ALA A 26 -9.46 -41.51 7.46
N SER A 27 -9.11 -41.18 6.20
CA SER A 27 -7.74 -40.79 5.87
C SER A 27 -7.32 -39.55 6.65
N ALA A 28 -8.24 -38.58 6.74
CA ALA A 28 -7.94 -37.33 7.44
C ALA A 28 -7.71 -37.58 8.96
N GLU A 29 -8.60 -38.37 9.56
CA GLU A 29 -8.47 -38.72 10.99
C GLU A 29 -7.14 -39.41 11.27
N ASP A 30 -6.79 -40.42 10.47
CA ASP A 30 -5.51 -41.13 10.64
C ASP A 30 -4.30 -40.17 10.57
N PHE A 31 -4.35 -39.26 9.59
CA PHE A 31 -3.30 -38.26 9.44
C PHE A 31 -3.21 -37.39 10.68
N ARG A 32 -4.32 -36.89 11.19
CA ARG A 32 -4.26 -36.01 12.34
C ARG A 32 -3.61 -36.74 13.51
N ASN A 33 -4.08 -37.95 13.75
CA ASN A 33 -3.55 -38.77 14.83
C ASN A 33 -2.07 -39.02 14.68
N SER A 34 -1.59 -39.17 13.45
CA SER A 34 -0.17 -39.40 13.18
C SER A 34 0.74 -38.23 13.50
N LEU A 35 0.17 -37.04 13.47
CA LEU A 35 0.98 -35.83 13.59
C LEU A 35 1.22 -35.41 15.03
N GLN A 36 0.44 -35.93 15.95
CA GLN A 36 0.63 -35.60 17.35
C GLN A 36 0.56 -34.10 17.58
N ASP A 37 1.49 -33.49 18.31
CA ASP A 37 1.37 -32.05 18.62
C ASP A 37 1.75 -31.08 17.51
N ARG A 38 2.17 -31.60 16.36
CA ARG A 38 2.35 -30.76 15.16
C ARG A 38 1.01 -30.47 14.49
N ALA A 39 -0.06 -31.10 14.98
CA ALA A 39 -1.41 -30.79 14.55
C ALA A 39 -2.03 -29.86 15.59
N ARG A 40 -2.19 -28.60 15.23
CA ARG A 40 -2.90 -27.61 16.08
C ARG A 40 -4.38 -27.52 15.61
N LEU A 41 -5.25 -28.31 16.21
CA LEU A 41 -6.61 -28.40 15.71
C LEU A 41 -7.55 -27.34 16.25
N ASN A 42 -8.59 -27.01 15.50
CA ASN A 42 -9.62 -26.12 15.99
C ASN A 42 -9.20 -24.77 16.55
N LEU A 43 -8.26 -24.16 15.87
CA LEU A 43 -7.88 -22.82 16.22
C LEU A 43 -9.02 -21.92 15.73
N SER A 44 -9.37 -20.89 16.50
CA SER A 44 -10.47 -20.01 16.13
C SER A 44 -10.03 -18.87 15.24
N TYR A 45 -10.87 -18.56 14.26
CA TYR A 45 -10.68 -17.33 13.48
C TYR A 45 -11.89 -16.41 13.71
N GLY A 46 -12.89 -16.91 14.40
CA GLY A 46 -14.12 -16.18 14.64
C GLY A 46 -14.83 -16.78 15.83
N GLU A 47 -15.98 -16.20 16.18
CA GLU A 47 -16.74 -16.66 17.34
C GLU A 47 -17.67 -17.84 17.09
N GLY A 48 -18.07 -18.03 15.83
CA GLY A 48 -19.01 -19.09 15.50
C GLY A 48 -18.44 -20.47 15.68
N ASP A 49 -19.31 -21.46 15.87
CA ASP A 49 -18.86 -22.83 16.04
C ASP A 49 -18.01 -23.31 14.85
N ARG A 50 -18.32 -22.84 13.64
CA ARG A 50 -17.59 -23.31 12.44
C ARG A 50 -16.51 -22.29 11.98
N HIS A 51 -16.23 -21.29 12.83
CA HIS A 51 -15.12 -20.36 12.54
C HIS A 51 -13.79 -20.88 13.10
N LYS A 52 -13.38 -22.04 12.62
CA LYS A 52 -12.21 -22.71 13.10
C LYS A 52 -11.35 -23.16 11.94
N PHE A 53 -10.06 -23.33 12.22
CA PHE A 53 -9.11 -23.91 11.28
C PHE A 53 -8.13 -24.80 11.99
N ASP A 54 -7.63 -25.76 11.22
CA ASP A 54 -6.61 -26.66 11.67
C ASP A 54 -5.29 -26.14 11.07
N LEU A 55 -4.25 -26.20 11.87
CA LEU A 55 -2.92 -25.79 11.48
C LEU A 55 -1.94 -26.96 11.71
N PHE A 56 -1.41 -27.43 10.60
CA PHE A 56 -0.45 -28.51 10.58
C PHE A 56 0.94 -27.95 10.35
N LEU A 57 1.84 -28.26 11.28
CA LEU A 57 3.20 -27.72 11.27
C LEU A 57 4.17 -28.74 10.77
N PRO A 58 5.18 -28.31 9.97
CA PRO A 58 6.22 -29.18 9.50
C PRO A 58 7.19 -29.39 10.64
N GLU A 59 8.17 -30.26 10.43
CA GLU A 59 9.13 -30.49 11.49
C GLU A 59 10.07 -29.33 11.75
N GLY A 60 10.60 -28.70 10.72
CA GLY A 60 11.50 -27.55 10.98
C GLY A 60 10.74 -26.23 11.00
N THR A 61 11.49 -25.14 10.89
CA THR A 61 10.92 -23.79 10.74
C THR A 61 10.14 -23.74 9.41
N PRO A 62 8.87 -23.39 9.46
CA PRO A 62 8.12 -23.38 8.21
C PRO A 62 8.70 -22.43 7.17
N VAL A 63 8.73 -22.87 5.92
CA VAL A 63 9.18 -22.03 4.82
C VAL A 63 8.09 -21.04 4.39
N GLY A 64 6.88 -21.24 4.92
CA GLY A 64 5.76 -20.43 4.57
C GLY A 64 4.47 -21.12 4.93
N LEU A 65 3.38 -20.49 4.50
CA LEU A 65 2.03 -20.94 4.80
C LEU A 65 1.22 -21.31 3.59
N PHE A 66 0.61 -22.49 3.64
CA PHE A 66 -0.26 -22.96 2.57
C PHE A 66 -1.65 -23.12 3.14
N VAL A 67 -2.63 -22.41 2.57
CA VAL A 67 -4.02 -22.56 3.03
C VAL A 67 -4.79 -23.37 2.01
N PHE A 68 -5.45 -24.43 2.46
CA PHE A 68 -6.30 -25.20 1.58
C PHE A 68 -7.78 -25.01 1.97
N VAL A 69 -8.60 -24.62 0.99
CA VAL A 69 -10.01 -24.42 1.26
C VAL A 69 -10.81 -25.49 0.53
N HIS A 70 -11.56 -26.26 1.32
CA HIS A 70 -12.32 -27.40 0.85
C HIS A 70 -13.61 -27.03 0.14
N GLY A 71 -14.11 -28.00 -0.63
CA GLY A 71 -15.32 -27.80 -1.36
C GLY A 71 -16.55 -28.50 -0.75
N GLY A 72 -17.56 -28.63 -1.61
CA GLY A 72 -18.88 -29.11 -1.20
C GLY A 72 -20.03 -28.15 -1.51
N TYR A 73 -19.82 -27.29 -2.54
CA TYR A 73 -20.79 -26.36 -3.05
C TYR A 73 -21.28 -25.45 -1.93
N TRP A 74 -20.40 -25.08 -1.00
CA TRP A 74 -20.75 -24.17 0.10
C TRP A 74 -21.92 -24.67 0.99
N MSE A 75 -22.25 -25.97 0.92
CA MSE A 75 -23.39 -26.53 1.65
C MSE A 75 -23.11 -27.85 2.40
O MSE A 75 -24.02 -28.40 3.06
CB MSE A 75 -24.54 -26.68 0.69
CG MSE A 75 -24.30 -27.67 -0.41
SE MSE A 75 -25.90 -27.84 -1.52
CE MSE A 75 -26.15 -26.22 -2.07
N ALA A 76 -21.87 -28.35 2.33
CA ALA A 76 -21.49 -29.61 2.98
C ALA A 76 -20.01 -29.68 3.23
N PHE A 77 -19.64 -30.63 4.08
CA PHE A 77 -18.28 -30.89 4.54
C PHE A 77 -17.79 -29.80 5.47
N ASP A 78 -16.72 -30.12 6.20
CA ASP A 78 -16.02 -29.19 7.05
C ASP A 78 -14.54 -29.54 6.85
N LYS A 79 -13.67 -28.89 7.60
CA LYS A 79 -12.24 -29.10 7.47
C LYS A 79 -11.74 -30.50 7.79
N SER A 80 -12.52 -31.25 8.58
N SER A 80 -12.51 -31.25 8.58
CA SER A 80 -12.08 -32.56 9.05
CA SER A 80 -12.06 -32.55 9.04
C SER A 80 -11.96 -33.66 8.01
C SER A 80 -11.98 -33.67 8.02
N SER A 81 -12.54 -33.49 6.84
CA SER A 81 -12.41 -34.50 5.78
C SER A 81 -11.17 -34.37 4.90
N TRP A 82 -10.28 -33.43 5.18
CA TRP A 82 -9.20 -33.11 4.22
C TRP A 82 -7.78 -33.00 4.72
N SER A 83 -7.56 -33.25 6.02
CA SER A 83 -6.27 -33.07 6.67
C SER A 83 -5.16 -33.80 5.97
N HIS A 84 -5.44 -35.04 5.55
CA HIS A 84 -4.42 -35.89 4.90
C HIS A 84 -3.83 -35.27 3.61
N LEU A 85 -4.54 -34.28 3.06
CA LEU A 85 -4.06 -33.59 1.87
C LEU A 85 -2.91 -32.59 2.20
N ALA A 86 -2.59 -32.44 3.49
CA ALA A 86 -1.49 -31.57 3.93
C ALA A 86 -0.11 -32.20 3.73
N VAL A 87 -0.08 -33.51 3.49
CA VAL A 87 1.22 -34.23 3.45
C VAL A 87 2.28 -33.68 2.45
N GLY A 88 1.92 -33.48 1.20
CA GLY A 88 2.90 -33.07 0.22
C GLY A 88 3.58 -31.74 0.55
N ALA A 89 2.78 -30.74 0.91
CA ALA A 89 3.35 -29.42 1.26
C ALA A 89 4.10 -29.48 2.57
N LEU A 90 3.59 -30.21 3.55
CA LEU A 90 4.29 -30.39 4.83
C LEU A 90 5.68 -30.95 4.59
N SER A 91 5.82 -31.92 3.71
CA SER A 91 7.13 -32.52 3.42
C SER A 91 8.12 -31.54 2.80
N LYS A 92 7.61 -30.49 2.14
CA LYS A 92 8.46 -29.45 1.54
C LYS A 92 8.72 -28.30 2.55
N GLY A 93 8.19 -28.42 3.77
CA GLY A 93 8.44 -27.44 4.82
C GLY A 93 7.42 -26.34 5.02
N TRP A 94 6.24 -26.48 4.40
CA TRP A 94 5.16 -25.50 4.56
C TRP A 94 4.27 -25.87 5.72
N ALA A 95 3.83 -24.87 6.46
CA ALA A 95 2.76 -25.08 7.45
C ALA A 95 1.48 -25.10 6.63
N VAL A 96 0.48 -25.84 7.05
CA VAL A 96 -0.73 -25.94 6.26
C VAL A 96 -1.98 -25.64 7.06
N ALA A 97 -2.77 -24.66 6.61
CA ALA A 97 -3.98 -24.30 7.29
C ALA A 97 -5.18 -24.76 6.50
N MSE A 98 -6.22 -25.22 7.21
CA MSE A 98 -7.46 -25.65 6.58
C MSE A 98 -8.68 -25.12 7.31
O MSE A 98 -9.02 -25.59 8.36
CB MSE A 98 -7.51 -27.17 6.47
CG MSE A 98 -6.59 -27.67 5.40
SE MSE A 98 -6.68 -29.62 5.19
CE MSE A 98 -5.43 -29.89 3.80
N PRO A 99 -9.36 -24.10 6.75
CA PRO A 99 -10.50 -23.65 7.53
C PRO A 99 -11.80 -24.36 7.21
N SER A 100 -12.71 -24.28 8.19
CA SER A 100 -14.10 -24.58 8.02
C SER A 100 -14.73 -23.19 7.86
N TYR A 101 -16.01 -23.21 7.59
CA TYR A 101 -16.81 -22.03 7.37
C TYR A 101 -18.27 -22.43 7.47
N GLU A 102 -19.12 -21.48 7.79
CA GLU A 102 -20.56 -21.71 7.80
C GLU A 102 -21.03 -21.98 6.39
N LEU A 103 -22.15 -22.67 6.30
CA LEU A 103 -22.67 -23.18 5.05
C LEU A 103 -24.00 -22.57 4.71
N CYS A 104 -24.29 -22.58 3.41
CA CYS A 104 -25.56 -22.16 2.93
C CYS A 104 -26.48 -23.31 3.35
N PRO A 105 -27.75 -23.00 3.68
CA PRO A 105 -28.44 -21.69 3.62
C PRO A 105 -28.38 -20.83 4.87
N GLU A 106 -27.64 -21.24 5.88
CA GLU A 106 -27.51 -20.45 7.09
C GLU A 106 -26.86 -19.12 6.77
N VAL A 107 -25.81 -19.16 5.94
CA VAL A 107 -25.16 -17.96 5.46
C VAL A 107 -25.24 -17.85 3.94
N ARG A 108 -24.79 -16.72 3.40
CA ARG A 108 -24.75 -16.55 1.97
C ARG A 108 -23.30 -16.78 1.57
N ILE A 109 -23.11 -17.07 0.29
CA ILE A 109 -21.78 -17.26 -0.26
C ILE A 109 -20.89 -16.04 0.02
N SER A 110 -21.45 -14.85 -0.16
CA SER A 110 -20.66 -13.63 0.13
C SER A 110 -20.14 -13.57 1.57
N GLU A 111 -20.93 -14.09 2.51
CA GLU A 111 -20.50 -14.18 3.90
C GLU A 111 -19.42 -15.23 4.07
N ILE A 112 -19.52 -16.32 3.30
CA ILE A 112 -18.48 -17.33 3.35
C ILE A 112 -17.14 -16.78 2.88
N THR A 113 -17.19 -16.02 1.81
CA THR A 113 -16.02 -15.31 1.30
C THR A 113 -15.33 -14.46 2.41
N GLN A 114 -16.16 -13.76 3.19
CA GLN A 114 -15.68 -12.91 4.28
C GLN A 114 -15.04 -13.77 5.35
N GLN A 115 -15.63 -14.93 5.66
CA GLN A 115 -15.06 -15.88 6.61
C GLN A 115 -13.71 -16.44 6.19
N ILE A 116 -13.56 -16.78 4.91
CA ILE A 116 -12.28 -17.26 4.38
C ILE A 116 -11.24 -16.16 4.54
N SER A 117 -11.62 -14.89 4.30
CA SER A 117 -10.72 -13.80 4.51
C SER A 117 -10.25 -13.73 5.98
N GLN A 118 -11.20 -13.85 6.89
CA GLN A 118 -10.90 -13.87 8.30
C GLN A 118 -9.96 -15.05 8.66
N ALA A 119 -10.20 -16.22 8.06
CA ALA A 119 -9.39 -17.42 8.32
C ALA A 119 -7.97 -17.29 7.81
N VAL A 120 -7.80 -16.83 6.57
CA VAL A 120 -6.47 -16.67 5.95
C VAL A 120 -5.71 -15.67 6.81
N THR A 121 -6.38 -14.58 7.18
CA THR A 121 -5.79 -13.52 8.01
C THR A 121 -5.27 -14.06 9.33
N ALA A 122 -6.07 -14.86 10.03
CA ALA A 122 -5.65 -15.51 11.27
C ALA A 122 -4.50 -16.49 11.09
N ALA A 123 -4.60 -17.35 10.07
CA ALA A 123 -3.50 -18.27 9.82
C ALA A 123 -2.19 -17.51 9.51
N ALA A 124 -2.30 -16.39 8.79
CA ALA A 124 -1.14 -15.56 8.40
C ALA A 124 -0.47 -14.88 9.60
N LYS A 125 -1.17 -14.78 10.72
CA LYS A 125 -0.56 -14.32 11.98
C LYS A 125 0.23 -15.42 12.68
N GLU A 126 -0.13 -16.67 12.40
CA GLU A 126 0.52 -17.81 13.04
C GLU A 126 1.82 -18.21 12.38
N ILE A 127 1.84 -18.08 11.08
CA ILE A 127 2.94 -18.47 10.27
C ILE A 127 3.51 -17.29 9.49
N ASP A 128 4.82 -17.15 9.57
CA ASP A 128 5.50 -16.14 8.84
C ASP A 128 5.87 -16.69 7.45
N GLY A 129 6.08 -15.78 6.50
CA GLY A 129 6.61 -16.16 5.21
C GLY A 129 5.61 -15.97 4.09
N PRO A 130 5.96 -16.43 2.86
CA PRO A 130 5.03 -16.34 1.81
C PRO A 130 3.79 -17.20 2.07
N ILE A 131 2.71 -16.83 1.41
CA ILE A 131 1.45 -17.53 1.52
C ILE A 131 1.07 -18.09 0.15
N VAL A 132 0.66 -19.35 0.14
CA VAL A 132 0.13 -20.01 -1.07
C VAL A 132 -1.26 -20.54 -0.72
N LEU A 133 -2.17 -20.41 -1.69
CA LEU A 133 -3.54 -20.78 -1.53
C LEU A 133 -3.94 -21.82 -2.54
N ALA A 134 -4.66 -22.85 -2.09
CA ALA A 134 -5.32 -23.75 -3.04
C ALA A 134 -6.68 -24.08 -2.45
N GLY A 135 -7.59 -24.45 -3.32
CA GLY A 135 -8.95 -24.74 -2.90
C GLY A 135 -9.68 -25.48 -4.00
N HIS A 136 -10.57 -26.38 -3.58
CA HIS A 136 -11.26 -27.27 -4.48
C HIS A 136 -12.73 -26.94 -4.67
N SER A 137 -13.13 -26.73 -5.91
CA SER A 137 -14.56 -26.57 -6.22
C SER A 137 -15.06 -25.24 -5.59
N ALA A 138 -16.03 -25.27 -4.68
CA ALA A 138 -16.43 -24.05 -3.94
C ALA A 138 -15.20 -23.40 -3.29
N GLY A 139 -14.28 -24.24 -2.85
CA GLY A 139 -13.01 -23.77 -2.22
C GLY A 139 -12.11 -23.11 -3.22
N GLY A 140 -12.21 -23.52 -4.48
CA GLY A 140 -11.42 -22.93 -5.55
C GLY A 140 -11.98 -21.54 -5.77
N HIS A 141 -13.31 -21.45 -5.72
CA HIS A 141 -13.96 -20.15 -5.77
C HIS A 141 -13.47 -19.26 -4.64
N LEU A 142 -13.46 -19.80 -3.44
CA LEU A 142 -13.10 -19.00 -2.27
C LEU A 142 -11.63 -18.53 -2.28
N VAL A 143 -10.71 -19.39 -2.72
CA VAL A 143 -9.31 -18.92 -2.79
C VAL A 143 -9.13 -17.87 -3.89
N ALA A 144 -9.89 -17.96 -4.99
CA ALA A 144 -9.84 -16.96 -6.04
C ALA A 144 -10.28 -15.55 -5.55
N ARG A 145 -11.30 -15.51 -4.71
CA ARG A 145 -11.80 -14.26 -4.11
C ARG A 145 -10.80 -13.60 -3.18
N MSE A 146 -9.83 -14.38 -2.67
CA MSE A 146 -8.82 -13.84 -1.77
C MSE A 146 -7.86 -12.90 -2.46
O MSE A 146 -7.12 -12.18 -1.78
CB MSE A 146 -8.04 -14.96 -1.10
CG MSE A 146 -8.87 -15.87 -0.17
SE MSE A 146 -9.80 -14.82 1.17
CE MSE A 146 -11.65 -14.72 0.25
N LEU A 147 -7.83 -12.89 -3.79
CA LEU A 147 -6.98 -11.97 -4.53
C LEU A 147 -7.63 -10.60 -4.69
N ASP A 148 -8.87 -10.46 -4.22
CA ASP A 148 -9.60 -9.20 -4.26
C ASP A 148 -9.16 -8.30 -3.07
N PRO A 149 -8.51 -7.15 -3.37
CA PRO A 149 -8.04 -6.27 -2.29
C PRO A 149 -9.11 -5.69 -1.40
N GLU A 150 -10.35 -5.73 -1.86
CA GLU A 150 -11.48 -5.28 -1.05
C GLU A 150 -11.91 -6.35 -0.06
N VAL A 151 -11.48 -7.59 -0.31
CA VAL A 151 -11.81 -8.71 0.55
C VAL A 151 -10.76 -9.03 1.62
N LEU A 152 -9.49 -9.19 1.20
CA LEU A 152 -8.40 -9.58 2.12
C LEU A 152 -7.48 -8.35 2.42
N PRO A 153 -7.04 -8.16 3.68
CA PRO A 153 -6.19 -7.02 4.00
C PRO A 153 -4.90 -7.00 3.17
N GLU A 154 -4.47 -5.80 2.79
CA GLU A 154 -3.20 -5.60 2.05
C GLU A 154 -2.02 -6.38 2.66
N ALA A 155 -1.88 -6.30 3.96
CA ALA A 155 -0.78 -6.97 4.66
C ALA A 155 -0.72 -8.49 4.42
N VAL A 156 -1.85 -9.10 4.12
CA VAL A 156 -1.88 -10.55 3.84
C VAL A 156 -1.75 -10.74 2.33
N GLY A 157 -2.54 -10.00 1.58
CA GLY A 157 -2.47 -10.09 0.16
C GLY A 157 -1.07 -9.89 -0.37
N ALA A 158 -0.32 -8.93 0.17
CA ALA A 158 1.02 -8.65 -0.37
C ALA A 158 1.92 -9.86 -0.34
N ARG A 159 1.61 -10.78 0.59
CA ARG A 159 2.40 -12.00 0.82
C ARG A 159 1.95 -13.17 -0.01
N ILE A 160 0.80 -13.05 -0.71
CA ILE A 160 0.33 -14.22 -1.47
C ILE A 160 1.23 -14.38 -2.70
N ARG A 161 1.82 -15.57 -2.82
CA ARG A 161 2.75 -15.89 -3.89
C ARG A 161 2.09 -16.62 -5.04
N ASN A 162 1.31 -17.63 -4.71
CA ASN A 162 0.64 -18.49 -5.70
C ASN A 162 -0.80 -18.74 -5.27
N VAL A 163 -1.70 -18.81 -6.25
CA VAL A 163 -3.08 -19.22 -6.01
C VAL A 163 -3.41 -20.29 -7.05
N VAL A 164 -3.83 -21.46 -6.55
CA VAL A 164 -4.16 -22.65 -7.37
C VAL A 164 -5.56 -23.15 -7.05
N PRO A 165 -6.57 -22.61 -7.76
CA PRO A 165 -7.96 -23.06 -7.62
C PRO A 165 -8.11 -24.33 -8.42
N ILE A 166 -8.50 -25.39 -7.72
CA ILE A 166 -8.59 -26.69 -8.30
C ILE A 166 -10.07 -26.90 -8.62
N SER A 167 -10.39 -27.03 -9.91
CA SER A 167 -11.76 -27.24 -10.35
C SER A 167 -12.67 -26.16 -9.75
N PRO A 168 -12.31 -24.88 -9.98
CA PRO A 168 -13.10 -23.80 -9.37
C PRO A 168 -14.46 -23.48 -10.02
N LEU A 169 -15.31 -22.88 -9.23
CA LEU A 169 -16.50 -22.19 -9.74
C LEU A 169 -16.06 -20.73 -9.91
N SER A 170 -16.01 -20.26 -11.17
CA SER A 170 -15.53 -18.90 -11.47
C SER A 170 -16.59 -17.90 -11.87
N ASP A 171 -17.74 -18.45 -12.30
CA ASP A 171 -18.86 -17.68 -12.73
C ASP A 171 -20.01 -18.33 -12.01
N LEU A 172 -20.60 -17.62 -11.06
CA LEU A 172 -21.73 -18.18 -10.34
C LEU A 172 -23.09 -18.01 -11.04
N ARG A 173 -23.16 -17.24 -12.11
CA ARG A 173 -24.45 -17.02 -12.79
C ARG A 173 -25.19 -18.30 -13.18
N PRO A 174 -24.48 -19.28 -13.75
CA PRO A 174 -25.24 -20.49 -14.13
C PRO A 174 -25.82 -21.26 -12.94
N LEU A 175 -25.33 -21.00 -11.72
CA LEU A 175 -25.90 -21.66 -10.55
C LEU A 175 -27.30 -21.19 -10.22
N LEU A 176 -27.70 -20.05 -10.78
CA LEU A 176 -29.06 -19.51 -10.62
C LEU A 176 -30.05 -20.43 -11.32
N ARG A 177 -29.52 -21.24 -12.23
CA ARG A 177 -30.31 -22.23 -12.93
C ARG A 177 -30.11 -23.65 -12.37
N THR A 178 -29.78 -23.75 -11.08
CA THR A 178 -29.67 -25.03 -10.38
C THR A 178 -30.50 -24.98 -9.07
N SER A 179 -30.99 -26.14 -8.65
CA SER A 179 -31.73 -26.24 -7.41
C SER A 179 -30.91 -25.84 -6.19
N MSE A 180 -29.58 -25.86 -6.31
CA MSE A 180 -28.74 -25.47 -5.19
C MSE A 180 -28.95 -24.00 -4.87
O MSE A 180 -28.67 -23.57 -3.74
CB MSE A 180 -27.28 -25.72 -5.51
CG MSE A 180 -26.89 -27.17 -5.63
SE MSE A 180 -24.98 -27.26 -6.06
CE MSE A 180 -25.07 -26.77 -7.82
N ASN A 181 -29.50 -23.23 -5.81
CA ASN A 181 -29.80 -21.83 -5.52
C ASN A 181 -30.94 -21.62 -4.51
N GLU A 182 -31.68 -22.69 -4.19
CA GLU A 182 -32.68 -22.65 -3.16
C GLU A 182 -31.94 -22.43 -1.85
N LYS A 183 -30.68 -22.88 -1.79
CA LYS A 183 -29.83 -22.65 -0.62
C LYS A 183 -28.97 -21.39 -0.73
N PHE A 184 -28.42 -21.10 -1.91
CA PHE A 184 -27.56 -19.90 -2.05
C PHE A 184 -28.37 -18.61 -1.96
N LYS A 185 -29.57 -18.66 -2.54
CA LYS A 185 -30.52 -17.55 -2.57
C LYS A 185 -29.95 -16.29 -3.20
N MSE A 186 -29.25 -16.48 -4.32
CA MSE A 186 -28.64 -15.38 -5.06
C MSE A 186 -29.52 -14.90 -6.19
O MSE A 186 -30.25 -15.70 -6.80
CB MSE A 186 -27.34 -15.83 -5.69
CG MSE A 186 -26.25 -16.12 -4.68
SE MSE A 186 -24.60 -16.52 -5.66
CE MSE A 186 -25.00 -18.30 -6.49
N ASP A 187 -29.47 -13.59 -6.44
CA ASP A 187 -30.05 -13.00 -7.64
C ASP A 187 -28.89 -12.75 -8.59
N ALA A 188 -29.16 -12.27 -9.80
CA ALA A 188 -28.10 -12.07 -10.76
C ALA A 188 -26.93 -11.19 -10.27
N ASP A 189 -27.25 -10.05 -9.68
CA ASP A 189 -26.21 -9.14 -9.18
C ASP A 189 -25.37 -9.77 -8.06
N ALA A 190 -25.99 -10.58 -7.20
CA ALA A 190 -25.27 -11.28 -6.15
C ALA A 190 -24.31 -12.32 -6.75
N ALA A 191 -24.74 -13.04 -7.78
CA ALA A 191 -23.89 -14.04 -8.45
C ALA A 191 -22.68 -13.37 -9.10
N ILE A 192 -22.96 -12.26 -9.77
CA ILE A 192 -21.93 -11.43 -10.41
C ILE A 192 -20.95 -10.91 -9.38
N ALA A 193 -21.47 -10.28 -8.33
CA ALA A 193 -20.62 -9.73 -7.28
C ALA A 193 -19.63 -10.77 -6.73
N GLU A 194 -20.08 -12.01 -6.62
CA GLU A 194 -19.24 -13.09 -6.07
C GLU A 194 -18.48 -13.95 -7.11
N SER A 195 -18.53 -13.55 -8.38
CA SER A 195 -17.89 -14.30 -9.43
C SER A 195 -16.46 -13.79 -9.67
N PRO A 196 -15.47 -14.66 -9.48
CA PRO A 196 -14.08 -14.37 -9.77
C PRO A 196 -13.82 -13.83 -11.20
N VAL A 197 -14.58 -14.27 -12.20
CA VAL A 197 -14.37 -13.73 -13.54
C VAL A 197 -14.63 -12.23 -13.60
N GLU A 198 -15.41 -11.70 -12.66
CA GLU A 198 -15.72 -10.25 -12.59
C GLU A 198 -14.70 -9.36 -11.92
N MSE A 199 -13.70 -9.99 -11.28
CA MSE A 199 -12.73 -9.25 -10.51
C MSE A 199 -11.73 -8.64 -11.39
O MSE A 199 -11.06 -9.33 -12.13
CB MSE A 199 -12.06 -10.18 -9.49
CG MSE A 199 -12.91 -10.48 -8.39
SE MSE A 199 -12.11 -12.10 -7.43
CE MSE A 199 -10.26 -11.56 -7.12
N GLN A 200 -11.65 -7.33 -11.32
CA GLN A 200 -10.70 -6.60 -12.14
C GLN A 200 -9.46 -6.24 -11.39
N ASN A 201 -9.54 -6.15 -10.09
CA ASN A 201 -8.40 -5.77 -9.30
C ASN A 201 -7.95 -6.99 -8.57
N ARG A 202 -6.69 -7.38 -8.75
CA ARG A 202 -6.20 -8.54 -8.07
C ARG A 202 -4.82 -8.34 -7.51
N TYR A 203 -4.59 -8.86 -6.31
CA TYR A 203 -3.25 -8.91 -5.80
C TYR A 203 -2.39 -9.67 -6.80
N ASP A 204 -1.12 -9.28 -6.83
CA ASP A 204 -0.15 -9.89 -7.69
C ASP A 204 0.17 -11.27 -7.13
N ALA A 205 -0.01 -12.28 -7.96
CA ALA A 205 0.22 -13.69 -7.56
C ALA A 205 0.13 -14.54 -8.81
N LYS A 206 0.86 -15.65 -8.84
CA LYS A 206 0.81 -16.54 -9.99
C LYS A 206 -0.39 -17.43 -9.73
N VAL A 207 -1.35 -17.38 -10.64
CA VAL A 207 -2.56 -18.12 -10.55
C VAL A 207 -2.51 -19.24 -11.61
N THR A 208 -2.80 -20.46 -11.17
CA THR A 208 -2.81 -21.63 -12.06
C THR A 208 -4.13 -22.36 -11.80
N VAL A 209 -4.98 -22.42 -12.83
CA VAL A 209 -6.25 -23.12 -12.74
C VAL A 209 -5.99 -24.57 -13.10
N TRP A 210 -6.33 -25.43 -12.16
CA TRP A 210 -6.04 -26.85 -12.25
C TRP A 210 -7.37 -27.57 -12.31
N VAL A 211 -7.60 -28.34 -13.35
CA VAL A 211 -8.87 -29.03 -13.49
C VAL A 211 -8.69 -30.44 -14.05
N GLY A 212 -9.55 -31.37 -13.66
CA GLY A 212 -9.41 -32.74 -14.13
C GLY A 212 -9.94 -32.93 -15.54
N GLY A 213 -9.14 -33.63 -16.35
CA GLY A 213 -9.48 -33.90 -17.74
C GLY A 213 -10.79 -34.64 -18.00
N ALA A 214 -11.15 -35.50 -17.07
CA ALA A 214 -12.38 -36.29 -17.15
C ALA A 214 -13.52 -35.64 -16.40
N GLU A 215 -13.44 -34.34 -16.08
CA GLU A 215 -14.48 -33.70 -15.31
C GLU A 215 -15.66 -33.35 -16.15
N ARG A 216 -16.75 -32.99 -15.46
CA ARG A 216 -17.99 -32.54 -16.10
C ARG A 216 -17.65 -31.39 -17.03
N PRO A 217 -18.26 -31.36 -18.22
CA PRO A 217 -18.08 -30.22 -19.11
C PRO A 217 -18.21 -28.84 -18.42
N ALA A 218 -19.18 -28.71 -17.52
CA ALA A 218 -19.42 -27.47 -16.76
C ALA A 218 -18.14 -27.03 -16.01
N PHE A 219 -17.44 -27.97 -15.38
CA PHE A 219 -16.20 -27.65 -14.66
C PHE A 219 -15.04 -27.32 -15.56
N LEU A 220 -14.95 -27.99 -16.71
CA LEU A 220 -13.95 -27.62 -17.68
C LEU A 220 -14.20 -26.19 -18.18
N ASP A 221 -15.47 -25.84 -18.36
CA ASP A 221 -15.85 -24.50 -18.77
C ASP A 221 -15.52 -23.45 -17.68
N GLN A 222 -15.95 -23.74 -16.47
CA GLN A 222 -15.67 -22.88 -15.33
C GLN A 222 -14.15 -22.58 -15.23
N ALA A 223 -13.32 -23.57 -15.52
CA ALA A 223 -11.87 -23.39 -15.44
C ALA A 223 -11.36 -22.45 -16.51
N ILE A 224 -11.67 -22.72 -17.77
CA ILE A 224 -11.21 -21.90 -18.87
C ILE A 224 -11.77 -20.48 -18.80
N TRP A 225 -12.99 -20.31 -18.26
CA TRP A 225 -13.47 -18.97 -18.04
C TRP A 225 -12.55 -18.15 -17.14
N LEU A 226 -12.05 -18.79 -16.07
CA LEU A 226 -11.13 -18.11 -15.12
C LEU A 226 -9.80 -17.83 -15.81
N VAL A 227 -9.30 -18.85 -16.52
CA VAL A 227 -8.07 -18.73 -17.28
C VAL A 227 -8.15 -17.55 -18.25
N GLU A 228 -9.26 -17.47 -19.00
CA GLU A 228 -9.46 -16.37 -19.94
C GLU A 228 -9.53 -14.98 -19.31
N ALA A 229 -10.35 -14.85 -18.26
CA ALA A 229 -10.55 -13.57 -17.58
C ALA A 229 -9.26 -13.00 -16.98
N TRP A 230 -8.44 -13.87 -16.41
CA TRP A 230 -7.24 -13.44 -15.66
C TRP A 230 -5.93 -13.72 -16.36
N ASP A 231 -5.99 -14.25 -17.56
CA ASP A 231 -4.78 -14.71 -18.22
C ASP A 231 -3.94 -15.62 -17.27
N ALA A 232 -4.60 -16.58 -16.62
CA ALA A 232 -3.94 -17.45 -15.65
C ALA A 232 -3.30 -18.62 -16.36
N ASP A 233 -2.36 -19.32 -15.70
CA ASP A 233 -1.87 -20.60 -16.24
C ASP A 233 -3.06 -21.58 -16.14
N HIS A 234 -2.98 -22.68 -16.89
CA HIS A 234 -4.04 -23.66 -16.98
C HIS A 234 -3.46 -25.05 -17.12
N VAL A 235 -3.81 -25.93 -16.18
CA VAL A 235 -3.42 -27.33 -16.20
C VAL A 235 -4.64 -28.27 -16.24
N ILE A 236 -4.64 -29.19 -17.22
CA ILE A 236 -5.68 -30.23 -17.27
C ILE A 236 -5.03 -31.56 -16.81
N ALA A 237 -5.41 -32.04 -15.63
CA ALA A 237 -4.83 -33.26 -15.05
C ALA A 237 -5.38 -34.51 -15.77
N PHE A 238 -4.48 -35.25 -16.42
CA PHE A 238 -4.88 -36.42 -17.22
C PHE A 238 -5.87 -37.36 -16.55
N GLU A 239 -7.05 -37.49 -17.15
CA GLU A 239 -8.11 -38.41 -16.71
C GLU A 239 -8.62 -38.26 -15.30
N LYS A 240 -8.34 -37.14 -14.66
CA LYS A 240 -8.86 -36.90 -13.31
C LYS A 240 -10.31 -36.44 -13.31
N HIS A 241 -11.04 -36.86 -12.25
CA HIS A 241 -12.43 -36.44 -12.09
C HIS A 241 -12.47 -35.49 -10.89
N HIS A 242 -13.66 -35.00 -10.54
CA HIS A 242 -13.79 -33.98 -9.49
C HIS A 242 -13.34 -34.41 -8.11
N PHE A 243 -13.38 -35.70 -7.85
CA PHE A 243 -13.05 -36.20 -6.53
C PHE A 243 -11.63 -36.68 -6.36
N ASN A 244 -10.96 -37.17 -7.39
CA ASN A 244 -9.55 -37.59 -7.22
C ASN A 244 -8.51 -36.58 -7.72
N VAL A 245 -8.98 -35.48 -8.31
CA VAL A 245 -8.13 -34.37 -8.79
C VAL A 245 -7.26 -33.79 -7.67
N ILE A 246 -7.82 -33.79 -6.46
CA ILE A 246 -7.14 -33.32 -5.25
C ILE A 246 -6.19 -34.35 -4.63
N GLU A 247 -6.28 -35.60 -5.06
CA GLU A 247 -5.45 -36.66 -4.44
C GLU A 247 -3.97 -36.41 -4.44
N PRO A 248 -3.41 -35.88 -5.55
CA PRO A 248 -1.96 -35.58 -5.57
C PRO A 248 -1.43 -34.63 -4.50
N LEU A 249 -2.32 -33.92 -3.79
CA LEU A 249 -1.88 -33.08 -2.68
C LEU A 249 -1.17 -33.88 -1.58
N ALA A 250 -1.53 -35.16 -1.46
CA ALA A 250 -0.95 -36.07 -0.48
C ALA A 250 0.48 -36.54 -0.87
N ASP A 251 0.90 -36.27 -2.11
CA ASP A 251 2.18 -36.75 -2.63
C ASP A 251 3.20 -35.64 -2.70
N PRO A 252 4.25 -35.70 -1.87
CA PRO A 252 5.35 -34.72 -1.92
C PRO A 252 5.89 -34.39 -3.29
N GLU A 253 5.92 -35.35 -4.22
CA GLU A 253 6.53 -35.12 -5.53
C GLU A 253 5.54 -34.81 -6.65
N SER A 254 4.26 -34.61 -6.32
CA SER A 254 3.29 -34.37 -7.36
C SER A 254 3.47 -33.04 -8.04
N ASP A 255 3.04 -32.97 -9.29
CA ASP A 255 3.09 -31.74 -10.03
C ASP A 255 2.18 -30.70 -9.41
N LEU A 256 1.04 -31.13 -8.85
CA LEU A 256 0.12 -30.21 -8.15
C LEU A 256 0.83 -29.59 -6.93
N VAL A 257 1.47 -30.42 -6.12
CA VAL A 257 2.25 -29.85 -4.98
C VAL A 257 3.33 -28.88 -5.49
N ALA A 258 3.93 -29.22 -6.63
CA ALA A 258 4.98 -28.38 -7.19
C ALA A 258 4.50 -26.97 -7.59
N VAL A 259 3.36 -26.89 -8.27
N VAL A 259 3.36 -26.88 -8.27
CA VAL A 259 2.84 -25.57 -8.72
CA VAL A 259 2.82 -25.58 -8.68
C VAL A 259 2.31 -24.70 -7.55
C VAL A 259 2.49 -24.74 -7.45
N ILE A 260 1.76 -25.34 -6.53
CA ILE A 260 1.35 -24.68 -5.32
C ILE A 260 2.54 -24.12 -4.55
N THR A 261 3.63 -24.87 -4.43
CA THR A 261 4.81 -24.41 -3.68
C THR A 261 5.90 -23.70 -4.54
N ALA A 262 5.65 -23.44 -5.83
CA ALA A 262 6.69 -22.90 -6.72
C ALA A 262 7.15 -21.46 -6.41
N GLY B 1 -22.67 -8.54 34.63
CA GLY B 1 -24.09 -8.84 34.91
C GLY B 1 -24.92 -7.57 34.96
N MSE B 2 -24.64 -6.71 35.94
CA MSE B 2 -25.40 -5.47 36.12
C MSE B 2 -24.74 -4.36 36.97
O MSE B 2 -25.32 -3.29 37.11
CB MSE B 2 -26.78 -5.78 36.69
N GLU B 3 -23.55 -4.58 37.52
CA GLU B 3 -22.86 -3.57 38.33
C GLU B 3 -22.77 -2.18 37.66
N LEU B 4 -22.52 -2.16 36.35
CA LEU B 4 -22.32 -0.90 35.63
C LEU B 4 -23.50 -0.42 34.84
N ASP B 5 -24.68 -0.98 35.08
CA ASP B 5 -25.86 -0.53 34.37
C ASP B 5 -26.13 0.94 34.56
N ASP B 6 -26.09 1.40 35.82
CA ASP B 6 -26.39 2.80 36.09
C ASP B 6 -25.37 3.74 35.47
N ALA B 7 -24.11 3.35 35.56
CA ALA B 7 -22.96 4.08 35.01
C ALA B 7 -23.07 4.35 33.49
N TYR B 8 -23.60 3.37 32.74
CA TYR B 8 -23.77 3.50 31.29
C TYR B 8 -25.16 3.94 30.86
N ALA B 9 -26.00 4.26 31.82
CA ALA B 9 -27.35 4.70 31.55
C ALA B 9 -27.28 6.18 31.24
N ASN B 10 -27.69 6.55 30.03
CA ASN B 10 -27.68 7.97 29.63
C ASN B 10 -29.02 8.62 29.90
N GLY B 11 -30.07 8.08 29.32
CA GLY B 11 -31.38 8.72 29.42
C GLY B 11 -31.88 9.07 30.80
N ALA B 12 -31.63 8.19 31.76
CA ALA B 12 -32.06 8.39 33.14
C ALA B 12 -31.52 9.71 33.72
N TYR B 13 -30.40 10.20 33.19
CA TYR B 13 -29.75 11.42 33.66
C TYR B 13 -29.88 12.62 32.77
N ILE B 14 -30.68 12.52 31.72
CA ILE B 14 -30.83 13.60 30.77
C ILE B 14 -32.24 14.16 30.84
N GLU B 15 -32.36 15.47 31.07
CA GLU B 15 -33.70 16.03 31.16
C GLU B 15 -34.34 15.99 29.78
N GLY B 16 -35.60 15.56 29.74
CA GLY B 16 -36.34 15.45 28.49
C GLY B 16 -35.84 14.35 27.58
N ALA B 17 -35.17 13.36 28.15
CA ALA B 17 -34.60 12.27 27.37
C ALA B 17 -35.60 11.55 26.45
N ALA B 18 -36.81 11.37 26.97
CA ALA B 18 -37.91 10.71 26.28
C ALA B 18 -38.32 11.38 24.98
N ASP B 19 -38.17 12.69 24.94
CA ASP B 19 -38.55 13.42 23.80
C ASP B 19 -37.55 13.38 22.66
N TYR B 20 -36.31 12.92 22.89
CA TYR B 20 -35.33 12.95 21.77
C TYR B 20 -35.71 12.03 20.61
N PRO B 21 -35.96 10.74 20.87
CA PRO B 21 -36.27 9.84 19.75
C PRO B 21 -37.36 10.34 18.82
N PRO B 22 -38.52 10.76 19.36
CA PRO B 22 -39.53 11.23 18.42
C PRO B 22 -39.18 12.54 17.72
N ARG B 23 -38.44 13.42 18.40
CA ARG B 23 -37.96 14.65 17.76
C ARG B 23 -36.92 14.36 16.70
N TRP B 24 -36.00 13.43 16.98
CA TRP B 24 -35.00 13.03 15.99
C TRP B 24 -35.71 12.57 14.70
N ALA B 25 -36.69 11.69 14.86
CA ALA B 25 -37.41 11.14 13.69
C ALA B 25 -38.14 12.19 12.88
N ALA B 26 -38.89 13.07 13.54
CA ALA B 26 -39.63 14.09 12.82
C ALA B 26 -38.71 14.97 12.05
N SER B 27 -37.65 15.45 12.71
CA SER B 27 -36.63 16.32 12.10
C SER B 27 -35.97 15.70 10.89
N ALA B 28 -35.60 14.43 11.03
CA ALA B 28 -34.97 13.70 9.95
C ALA B 28 -35.92 13.52 8.75
N GLU B 29 -37.17 13.16 9.02
CA GLU B 29 -38.17 13.03 7.95
C GLU B 29 -38.31 14.36 7.21
N ASP B 30 -38.52 15.45 7.97
N ASP B 30 -38.52 15.45 7.95
CA ASP B 30 -38.65 16.78 7.40
CA ASP B 30 -38.68 16.78 7.31
C ASP B 30 -37.51 17.05 6.42
C ASP B 30 -37.48 17.18 6.45
N PHE B 31 -36.28 16.85 6.91
CA PHE B 31 -35.08 17.09 6.13
C PHE B 31 -35.07 16.21 4.88
N ARG B 32 -35.41 14.92 4.99
CA ARG B 32 -35.36 14.08 3.78
C ARG B 32 -36.32 14.64 2.76
N ASN B 33 -37.51 15.02 3.21
CA ASN B 33 -38.51 15.59 2.31
C ASN B 33 -38.03 16.90 1.69
N SER B 34 -37.31 17.71 2.46
CA SER B 34 -36.79 18.97 1.95
C SER B 34 -35.76 18.82 0.84
N LEU B 35 -35.03 17.71 0.81
CA LEU B 35 -33.94 17.56 -0.14
C LEU B 35 -34.35 17.08 -1.56
N GLN B 36 -35.55 16.51 -1.70
CA GLN B 36 -36.05 16.06 -3.01
C GLN B 36 -35.12 15.03 -3.62
N ASP B 37 -34.76 15.22 -4.89
CA ASP B 37 -33.82 14.38 -5.63
C ASP B 37 -32.42 14.24 -5.03
N ARG B 38 -31.97 15.21 -4.23
CA ARG B 38 -30.62 15.14 -3.65
C ARG B 38 -30.51 14.17 -2.51
N ALA B 39 -31.63 13.61 -2.10
CA ALA B 39 -31.60 12.55 -1.11
C ALA B 39 -31.73 11.22 -1.82
N ARG B 40 -30.65 10.44 -1.86
CA ARG B 40 -30.64 9.09 -2.43
C ARG B 40 -30.79 8.07 -1.29
N LEU B 41 -32.03 7.71 -1.02
CA LEU B 41 -32.36 6.90 0.15
C LEU B 41 -32.26 5.40 -0.10
N ASN B 42 -31.91 4.65 0.94
CA ASN B 42 -31.90 3.20 0.89
C ASN B 42 -31.06 2.51 -0.18
N LEU B 43 -29.86 3.05 -0.40
CA LEU B 43 -28.93 2.46 -1.29
C LEU B 43 -28.37 1.24 -0.56
N SER B 44 -28.13 0.15 -1.26
CA SER B 44 -27.61 -1.06 -0.64
C SER B 44 -26.10 -1.14 -0.53
N TYR B 45 -25.65 -1.70 0.58
CA TYR B 45 -24.24 -2.04 0.72
C TYR B 45 -24.08 -3.56 0.98
N GLY B 46 -25.18 -4.28 1.17
CA GLY B 46 -25.17 -5.73 1.43
C GLY B 46 -26.56 -6.23 1.09
N GLU B 47 -26.78 -7.53 1.24
CA GLU B 47 -28.08 -8.12 0.87
C GLU B 47 -29.16 -8.02 1.93
N GLY B 48 -28.75 -7.73 3.15
CA GLY B 48 -29.66 -7.70 4.27
C GLY B 48 -30.62 -6.55 4.21
N ASP B 49 -31.76 -6.75 4.83
CA ASP B 49 -32.77 -5.73 4.91
C ASP B 49 -32.22 -4.45 5.53
N ARG B 50 -31.28 -4.54 6.46
CA ARG B 50 -30.72 -3.34 7.16
C ARG B 50 -29.37 -2.91 6.61
N HIS B 51 -28.89 -3.62 5.59
CA HIS B 51 -27.68 -3.23 4.88
C HIS B 51 -27.94 -2.11 3.84
N LYS B 52 -28.38 -0.95 4.32
CA LYS B 52 -28.74 0.15 3.50
C LYS B 52 -28.09 1.40 4.09
N PHE B 53 -27.87 2.39 3.22
CA PHE B 53 -27.43 3.72 3.64
C PHE B 53 -28.12 4.76 2.81
N ASP B 54 -28.30 5.95 3.43
CA ASP B 54 -28.86 7.07 2.73
C ASP B 54 -27.66 7.91 2.31
N LEU B 55 -27.74 8.49 1.13
CA LEU B 55 -26.71 9.38 0.59
C LEU B 55 -27.32 10.74 0.25
N PHE B 56 -26.87 11.76 0.94
CA PHE B 56 -27.33 13.13 0.74
C PHE B 56 -26.28 13.92 -0.02
N LEU B 57 -26.66 14.48 -1.16
CA LEU B 57 -25.73 15.23 -2.04
C LEU B 57 -25.89 16.71 -1.87
N PRO B 58 -24.79 17.46 -1.94
CA PRO B 58 -24.83 18.90 -1.86
C PRO B 58 -25.26 19.42 -3.22
N GLU B 59 -25.43 20.73 -3.38
CA GLU B 59 -25.88 21.22 -4.67
C GLU B 59 -24.83 21.13 -5.77
N GLY B 60 -23.60 21.48 -5.50
CA GLY B 60 -22.60 21.37 -6.59
C GLY B 60 -21.84 20.05 -6.52
N THR B 61 -20.71 19.93 -7.23
N THR B 61 -20.66 20.02 -7.12
CA THR B 61 -19.92 18.69 -7.15
CA THR B 61 -19.79 18.86 -7.06
C THR B 61 -19.33 18.58 -5.72
C THR B 61 -19.30 18.63 -5.62
N PRO B 62 -19.52 17.43 -5.06
CA PRO B 62 -19.04 17.24 -3.69
C PRO B 62 -17.53 17.47 -3.48
N VAL B 63 -17.18 18.05 -2.34
CA VAL B 63 -15.78 18.27 -2.00
C VAL B 63 -15.15 17.00 -1.39
N GLY B 64 -16.01 16.02 -1.07
CA GLY B 64 -15.59 14.78 -0.37
C GLY B 64 -16.85 14.09 0.19
N LEU B 65 -16.60 13.01 0.92
CA LEU B 65 -17.63 12.18 1.51
C LEU B 65 -17.59 12.24 3.01
N PHE B 66 -18.72 12.57 3.65
CA PHE B 66 -18.84 12.54 5.09
C PHE B 66 -19.73 11.36 5.47
N VAL B 67 -19.20 10.42 6.25
CA VAL B 67 -19.98 9.31 6.71
C VAL B 67 -20.24 9.48 8.21
N PHE B 68 -21.53 9.44 8.55
CA PHE B 68 -21.98 9.54 9.94
C PHE B 68 -22.65 8.25 10.34
N VAL B 69 -22.15 7.65 11.43
CA VAL B 69 -22.68 6.39 11.92
C VAL B 69 -23.37 6.63 13.26
N HIS B 70 -24.64 6.31 13.27
CA HIS B 70 -25.47 6.56 14.41
C HIS B 70 -25.20 5.59 15.58
N GLY B 71 -25.66 6.01 16.76
CA GLY B 71 -25.59 5.22 17.96
C GLY B 71 -26.88 4.56 18.38
N GLY B 72 -26.92 4.18 19.64
CA GLY B 72 -28.03 3.41 20.22
C GLY B 72 -27.59 2.05 20.74
N TYR B 73 -26.35 1.99 21.21
CA TYR B 73 -25.76 0.81 21.83
C TYR B 73 -25.80 -0.49 21.02
N TRP B 74 -25.57 -0.42 19.72
CA TRP B 74 -25.58 -1.61 18.82
C TRP B 74 -26.90 -2.40 18.88
N MSE B 75 -27.94 -1.82 19.46
CA MSE B 75 -29.20 -2.56 19.68
C MSE B 75 -30.48 -1.76 19.42
O MSE B 75 -31.57 -2.27 19.68
CB MSE B 75 -29.22 -3.04 21.12
CG MSE B 75 -29.31 -1.95 22.15
SE MSE B 75 -29.49 -2.68 23.96
CE MSE B 75 -27.85 -3.40 24.20
N ALA B 76 -30.36 -0.55 18.87
CA ALA B 76 -31.54 0.29 18.63
C ALA B 76 -31.24 1.37 17.63
N PHE B 77 -32.32 1.91 17.07
CA PHE B 77 -32.33 2.92 16.02
C PHE B 77 -31.82 2.37 14.68
N ASP B 78 -31.99 3.20 13.66
CA ASP B 78 -31.51 2.95 12.29
C ASP B 78 -31.19 4.32 11.75
N LYS B 79 -30.74 4.38 10.50
CA LYS B 79 -30.31 5.62 9.84
C LYS B 79 -31.38 6.72 9.73
N SER B 80 -32.66 6.32 9.78
N SER B 80 -32.67 6.34 9.74
CA SER B 80 -33.78 7.23 9.59
CA SER B 80 -33.74 7.30 9.54
C SER B 80 -33.97 8.32 10.65
C SER B 80 -34.01 8.32 10.68
N SER B 81 -33.37 8.14 11.83
CA SER B 81 -33.51 9.14 12.92
C SER B 81 -32.47 10.24 12.89
N TRP B 82 -31.59 10.28 11.87
CA TRP B 82 -30.45 11.20 11.93
C TRP B 82 -30.16 12.05 10.73
N SER B 83 -31.01 11.97 9.71
CA SER B 83 -30.76 12.62 8.41
C SER B 83 -30.52 14.11 8.54
N HIS B 84 -31.25 14.72 9.49
CA HIS B 84 -31.15 16.17 9.73
C HIS B 84 -29.74 16.71 10.11
N LEU B 85 -28.92 15.80 10.63
CA LEU B 85 -27.59 16.09 11.05
C LEU B 85 -26.63 16.20 9.86
N ALA B 86 -27.12 15.98 8.64
CA ALA B 86 -26.29 16.14 7.45
C ALA B 86 -26.09 17.61 7.04
N VAL B 87 -26.97 18.50 7.53
CA VAL B 87 -27.02 19.91 7.06
C VAL B 87 -25.71 20.68 7.11
N GLY B 88 -24.99 20.61 8.22
CA GLY B 88 -23.75 21.35 8.42
C GLY B 88 -22.72 21.01 7.35
N ALA B 89 -22.46 19.71 7.20
CA ALA B 89 -21.51 19.28 6.16
C ALA B 89 -22.00 19.55 4.75
N LEU B 90 -23.27 19.29 4.48
CA LEU B 90 -23.84 19.56 3.17
C LEU B 90 -23.65 20.99 2.75
N SER B 91 -23.80 21.91 3.70
CA SER B 91 -23.69 23.34 3.39
C SER B 91 -22.29 23.69 2.91
N LYS B 92 -21.30 22.94 3.40
CA LYS B 92 -19.91 23.11 3.02
C LYS B 92 -19.52 22.35 1.74
N GLY B 93 -20.47 21.65 1.13
CA GLY B 93 -20.21 20.94 -0.10
C GLY B 93 -19.87 19.47 -0.01
N TRP B 94 -19.99 18.89 1.18
CA TRP B 94 -19.74 17.46 1.37
C TRP B 94 -20.97 16.63 1.06
N ALA B 95 -20.77 15.48 0.44
CA ALA B 95 -21.87 14.50 0.36
C ALA B 95 -21.85 13.79 1.69
N VAL B 96 -23.03 13.43 2.17
CA VAL B 96 -23.18 12.81 3.46
C VAL B 96 -23.92 11.52 3.34
N ALA B 97 -23.27 10.47 3.81
CA ALA B 97 -23.89 9.16 3.89
C ALA B 97 -24.17 8.70 5.32
N MSE B 98 -25.31 8.06 5.49
CA MSE B 98 -25.74 7.53 6.80
C MSE B 98 -26.25 6.11 6.65
O MSE B 98 -27.26 5.89 6.03
CB MSE B 98 -26.88 8.41 7.37
CG MSE B 98 -26.44 9.84 7.44
SE MSE B 98 -27.53 10.74 8.71
CE MSE B 98 -26.65 12.53 8.72
N PRO B 99 -25.49 5.12 7.13
CA PRO B 99 -25.91 3.73 7.06
C PRO B 99 -26.67 3.22 8.25
N SER B 100 -27.54 2.25 7.97
CA SER B 100 -28.13 1.47 9.05
C SER B 100 -27.22 0.25 9.07
N TYR B 101 -27.42 -0.58 10.06
CA TYR B 101 -26.71 -1.81 10.30
C TYR B 101 -27.57 -2.76 11.16
N GLU B 102 -27.29 -4.05 11.07
CA GLU B 102 -27.98 -5.04 11.87
C GLU B 102 -27.61 -4.80 13.32
N LEU B 103 -28.52 -5.23 14.20
CA LEU B 103 -28.41 -4.97 15.62
C LEU B 103 -28.18 -6.19 16.43
N CYS B 104 -27.55 -5.97 17.58
CA CYS B 104 -27.45 -7.00 18.57
C CYS B 104 -28.89 -7.09 19.11
N PRO B 105 -29.35 -8.30 19.44
CA PRO B 105 -28.68 -9.60 19.42
C PRO B 105 -28.75 -10.38 18.10
N GLU B 106 -29.25 -9.81 17.00
CA GLU B 106 -29.30 -10.62 15.77
C GLU B 106 -27.86 -10.95 15.34
N VAL B 107 -26.98 -9.96 15.48
CA VAL B 107 -25.57 -10.10 15.15
C VAL B 107 -24.69 -9.66 16.31
N ARG B 108 -23.40 -9.95 16.23
CA ARG B 108 -22.44 -9.53 17.23
C ARG B 108 -21.81 -8.18 16.80
N ILE B 109 -21.30 -7.42 17.78
CA ILE B 109 -20.65 -6.17 17.52
C ILE B 109 -19.56 -6.35 16.45
N SER B 110 -18.80 -7.43 16.49
CA SER B 110 -17.79 -7.65 15.40
C SER B 110 -18.41 -7.68 14.00
N GLU B 111 -19.57 -8.27 13.88
CA GLU B 111 -20.27 -8.28 12.58
C GLU B 111 -20.70 -6.88 12.18
N ILE B 112 -21.14 -6.06 13.16
CA ILE B 112 -21.51 -4.68 12.87
C ILE B 112 -20.33 -3.85 12.32
N THR B 113 -19.17 -3.99 12.94
CA THR B 113 -17.91 -3.35 12.49
C THR B 113 -17.71 -3.72 11.02
N GLN B 114 -17.83 -5.03 10.71
CA GLN B 114 -17.74 -5.46 9.30
C GLN B 114 -18.78 -4.79 8.38
N GLN B 115 -20.02 -4.69 8.83
CA GLN B 115 -21.06 -4.04 8.04
C GLN B 115 -20.72 -2.57 7.73
N ILE B 116 -20.19 -1.85 8.72
CA ILE B 116 -19.87 -0.45 8.57
C ILE B 116 -18.73 -0.29 7.56
N SER B 117 -17.81 -1.25 7.58
CA SER B 117 -16.74 -1.32 6.61
C SER B 117 -17.32 -1.47 5.19
N GLN B 118 -18.28 -2.36 5.03
CA GLN B 118 -18.94 -2.56 3.76
C GLN B 118 -19.68 -1.28 3.33
N ALA B 119 -20.35 -0.62 4.28
CA ALA B 119 -21.09 0.61 4.01
C ALA B 119 -20.19 1.75 3.55
N VAL B 120 -19.11 2.00 4.30
CA VAL B 120 -18.13 3.07 4.00
C VAL B 120 -17.50 2.78 2.67
N THR B 121 -17.12 1.51 2.46
CA THR B 121 -16.55 1.07 1.18
C THR B 121 -17.54 1.38 0.01
N ALA B 122 -18.82 1.09 0.21
CA ALA B 122 -19.85 1.38 -0.79
C ALA B 122 -20.03 2.86 -1.05
N ALA B 123 -20.11 3.64 0.03
CA ALA B 123 -20.30 5.06 -0.10
C ALA B 123 -19.10 5.70 -0.81
N ALA B 124 -17.90 5.19 -0.50
CA ALA B 124 -16.66 5.66 -1.10
C ALA B 124 -16.61 5.43 -2.64
N LYS B 125 -17.39 4.47 -3.15
CA LYS B 125 -17.50 4.28 -4.61
C LYS B 125 -18.45 5.32 -5.21
N GLU B 126 -19.39 5.81 -4.41
CA GLU B 126 -20.37 6.79 -4.95
C GLU B 126 -19.81 8.23 -5.04
N ILE B 127 -18.92 8.60 -4.13
CA ILE B 127 -18.41 9.94 -4.07
C ILE B 127 -16.91 9.90 -4.08
N ASP B 128 -16.31 10.77 -4.86
CA ASP B 128 -14.87 10.87 -4.96
C ASP B 128 -14.30 11.89 -3.99
N GLY B 129 -13.07 11.73 -3.61
CA GLY B 129 -12.39 12.71 -2.78
C GLY B 129 -12.08 12.24 -1.38
N PRO B 130 -11.68 13.18 -0.52
CA PRO B 130 -11.35 12.86 0.85
C PRO B 130 -12.56 12.30 1.59
N ILE B 131 -12.31 11.43 2.54
CA ILE B 131 -13.41 10.87 3.34
C ILE B 131 -13.20 11.33 4.78
N VAL B 132 -14.29 11.73 5.41
CA VAL B 132 -14.30 12.13 6.82
C VAL B 132 -15.39 11.29 7.51
N LEU B 133 -15.10 10.87 8.74
CA LEU B 133 -15.99 10.02 9.49
C LEU B 133 -16.30 10.62 10.84
N ALA B 134 -17.55 10.48 11.26
CA ALA B 134 -17.97 10.87 12.60
C ALA B 134 -19.03 9.85 12.97
N GLY B 135 -19.11 9.55 14.26
CA GLY B 135 -20.08 8.59 14.78
C GLY B 135 -20.38 8.91 16.22
N HIS B 136 -21.57 8.55 16.66
CA HIS B 136 -22.04 8.88 17.99
C HIS B 136 -22.22 7.65 18.83
N SER B 137 -21.52 7.61 19.96
CA SER B 137 -21.69 6.54 20.96
C SER B 137 -21.23 5.15 20.41
N ALA B 138 -22.17 4.22 20.18
CA ALA B 138 -21.83 2.99 19.46
C ALA B 138 -21.27 3.33 18.07
N GLY B 139 -21.78 4.40 17.45
CA GLY B 139 -21.27 4.87 16.16
C GLY B 139 -19.84 5.38 16.23
N GLY B 140 -19.40 5.82 17.42
CA GLY B 140 -18.06 6.29 17.64
C GLY B 140 -17.08 5.14 17.77
N HIS B 141 -17.51 4.06 18.39
CA HIS B 141 -16.77 2.79 18.38
C HIS B 141 -16.59 2.43 16.93
N LEU B 142 -17.68 2.43 16.18
CA LEU B 142 -17.64 1.94 14.81
C LEU B 142 -16.73 2.78 13.88
N VAL B 143 -16.86 4.11 13.90
CA VAL B 143 -15.92 4.96 13.11
C VAL B 143 -14.48 4.79 13.57
N ALA B 144 -14.20 4.68 14.87
CA ALA B 144 -12.81 4.42 15.31
C ALA B 144 -12.31 3.08 14.71
N ARG B 145 -13.21 2.12 14.55
CA ARG B 145 -12.80 0.81 14.00
C ARG B 145 -12.43 0.92 12.51
N MSE B 146 -12.89 1.97 11.82
CA MSE B 146 -12.58 2.09 10.40
C MSE B 146 -11.12 2.42 10.15
O MSE B 146 -10.67 2.30 9.02
CB MSE B 146 -13.50 3.10 9.76
CG MSE B 146 -14.97 2.75 9.75
SE MSE B 146 -15.32 1.00 8.93
CE MSE B 146 -15.48 -0.03 10.44
N LEU B 147 -10.38 2.81 11.20
CA LEU B 147 -8.96 3.09 11.06
C LEU B 147 -8.07 1.84 11.12
N ASP B 148 -8.66 0.68 11.42
CA ASP B 148 -7.92 -0.57 11.47
C ASP B 148 -7.75 -1.12 10.02
N PRO B 149 -6.51 -1.21 9.55
CA PRO B 149 -6.28 -1.76 8.21
C PRO B 149 -6.72 -3.18 7.98
N GLU B 150 -6.95 -3.94 9.03
CA GLU B 150 -7.44 -5.28 8.84
C GLU B 150 -8.94 -5.23 8.57
N VAL B 151 -9.59 -4.13 8.92
CA VAL B 151 -11.04 -4.04 8.81
C VAL B 151 -11.52 -3.37 7.53
N LEU B 152 -10.89 -2.25 7.20
CA LEU B 152 -11.30 -1.45 6.07
C LEU B 152 -10.27 -1.50 4.95
N PRO B 153 -10.69 -1.68 3.67
CA PRO B 153 -9.74 -1.69 2.54
C PRO B 153 -8.87 -0.47 2.40
N GLU B 154 -7.64 -0.74 2.00
CA GLU B 154 -6.58 0.27 1.88
C GLU B 154 -6.94 1.40 0.96
N ALA B 155 -7.60 1.10 -0.18
CA ALA B 155 -8.04 2.09 -1.17
C ALA B 155 -8.99 3.11 -0.51
N VAL B 156 -9.77 2.64 0.45
CA VAL B 156 -10.68 3.50 1.19
C VAL B 156 -9.94 4.23 2.34
N GLY B 157 -9.23 3.45 3.17
CA GLY B 157 -8.38 3.93 4.30
C GLY B 157 -7.43 5.09 3.98
N ALA B 158 -6.84 5.04 2.78
CA ALA B 158 -5.98 6.09 2.24
C ALA B 158 -6.62 7.47 2.04
N ARG B 159 -7.92 7.50 1.86
CA ARG B 159 -8.69 8.73 1.61
C ARG B 159 -9.26 9.36 2.87
N ILE B 160 -9.16 8.64 4.00
CA ILE B 160 -9.72 9.13 5.27
C ILE B 160 -8.84 10.24 5.82
N ARG B 161 -9.39 11.44 5.96
CA ARG B 161 -8.61 12.56 6.44
C ARG B 161 -8.85 12.81 7.90
N ASN B 162 -10.11 12.81 8.28
CA ASN B 162 -10.46 12.95 9.68
C ASN B 162 -11.43 11.91 10.22
N VAL B 163 -11.34 11.67 11.52
CA VAL B 163 -12.27 10.81 12.18
C VAL B 163 -12.58 11.47 13.51
N VAL B 164 -13.85 11.59 13.80
CA VAL B 164 -14.32 12.24 15.02
C VAL B 164 -15.25 11.30 15.80
N PRO B 165 -14.68 10.47 16.72
CA PRO B 165 -15.55 9.67 17.58
C PRO B 165 -16.20 10.64 18.58
N ILE B 166 -17.53 10.63 18.64
CA ILE B 166 -18.29 11.55 19.47
C ILE B 166 -18.94 10.70 20.53
N SER B 167 -18.55 10.92 21.76
CA SER B 167 -18.99 10.12 22.89
C SER B 167 -18.79 8.61 22.61
N PRO B 168 -17.56 8.23 22.16
CA PRO B 168 -17.44 6.85 21.77
C PRO B 168 -17.34 5.86 22.92
N LEU B 169 -17.57 4.60 22.61
CA LEU B 169 -17.21 3.54 23.53
C LEU B 169 -15.86 3.10 22.92
N SER B 170 -14.77 3.31 23.65
CA SER B 170 -13.42 2.99 23.18
C SER B 170 -12.86 1.71 23.78
N ASP B 171 -13.43 1.30 24.92
CA ASP B 171 -13.00 0.12 25.62
C ASP B 171 -14.26 -0.62 25.94
N LEU B 172 -14.49 -1.76 25.28
CA LEU B 172 -15.74 -2.48 25.52
C LEU B 172 -15.76 -3.37 26.79
N ARG B 173 -14.63 -3.54 27.42
CA ARG B 173 -14.58 -4.38 28.62
C ARG B 173 -15.64 -4.06 29.69
N PRO B 174 -15.83 -2.79 30.04
CA PRO B 174 -16.89 -2.48 31.05
C PRO B 174 -18.29 -2.91 30.66
N LEU B 175 -18.52 -3.18 29.38
CA LEU B 175 -19.86 -3.57 28.98
C LEU B 175 -20.19 -4.99 29.43
N LEU B 176 -19.16 -5.77 29.79
CA LEU B 176 -19.34 -7.15 30.27
C LEU B 176 -20.01 -7.15 31.65
N ARG B 177 -19.93 -6.00 32.32
CA ARG B 177 -20.56 -5.77 33.62
C ARG B 177 -21.87 -4.96 33.52
N THR B 178 -22.52 -5.03 32.36
CA THR B 178 -23.82 -4.41 32.13
C THR B 178 -24.75 -5.50 31.58
N SER B 179 -26.04 -5.30 31.80
CA SER B 179 -27.05 -6.18 31.28
C SER B 179 -27.13 -6.20 29.75
N MSE B 180 -26.58 -5.18 29.11
CA MSE B 180 -26.55 -5.13 27.64
C MSE B 180 -25.74 -6.25 27.06
O MSE B 180 -25.96 -6.62 25.91
CB MSE B 180 -25.96 -3.81 27.20
CG MSE B 180 -26.86 -2.63 27.48
SE MSE B 180 -25.99 -0.97 26.88
CE MSE B 180 -24.63 -0.83 28.31
N ASN B 181 -24.82 -6.79 27.84
CA ASN B 181 -24.01 -7.92 27.36
C ASN B 181 -24.81 -9.22 27.19
N GLU B 182 -26.05 -9.23 27.73
CA GLU B 182 -26.99 -10.29 27.46
C GLU B 182 -27.32 -10.26 25.96
N LYS B 183 -27.21 -9.07 25.36
CA LYS B 183 -27.35 -8.92 23.91
C LYS B 183 -26.04 -8.99 23.15
N PHE B 184 -24.94 -8.43 23.68
CA PHE B 184 -23.64 -8.50 22.94
C PHE B 184 -23.01 -9.89 22.98
N LYS B 185 -23.27 -10.60 24.06
CA LYS B 185 -22.74 -11.93 24.26
C LYS B 185 -21.23 -11.99 24.06
N MSE B 186 -20.53 -11.02 24.65
CA MSE B 186 -19.08 -10.99 24.58
C MSE B 186 -18.39 -11.57 25.81
O MSE B 186 -18.83 -11.36 26.94
CB MSE B 186 -18.59 -9.55 24.43
CG MSE B 186 -18.92 -8.89 23.12
SE MSE B 186 -18.13 -7.07 23.04
CE MSE B 186 -19.14 -6.07 24.51
N ASP B 187 -17.30 -12.30 25.57
CA ASP B 187 -16.35 -12.65 26.61
C ASP B 187 -15.26 -11.60 26.53
N ALA B 188 -14.33 -11.67 27.48
CA ALA B 188 -13.24 -10.73 27.59
C ALA B 188 -12.49 -10.55 26.29
N ASP B 189 -12.06 -11.67 25.71
CA ASP B 189 -11.32 -11.65 24.45
C ASP B 189 -12.08 -10.94 23.31
N ALA B 190 -13.40 -11.19 23.22
CA ALA B 190 -14.24 -10.56 22.21
C ALA B 190 -14.32 -9.02 22.44
N ALA B 191 -14.50 -8.59 23.68
CA ALA B 191 -14.50 -7.16 24.03
C ALA B 191 -13.16 -6.48 23.67
N ILE B 192 -12.06 -7.17 23.99
CA ILE B 192 -10.71 -6.67 23.69
C ILE B 192 -10.55 -6.48 22.19
N ALA B 193 -10.94 -7.51 21.45
CA ALA B 193 -10.82 -7.48 19.99
C ALA B 193 -11.61 -6.36 19.28
N GLU B 194 -12.75 -5.95 19.83
CA GLU B 194 -13.55 -4.88 19.24
C GLU B 194 -13.38 -3.51 19.89
N SER B 195 -12.32 -3.36 20.71
CA SER B 195 -12.07 -2.12 21.44
C SER B 195 -11.09 -1.19 20.73
N PRO B 196 -11.52 0.04 20.36
CA PRO B 196 -10.55 0.94 19.71
C PRO B 196 -9.23 1.17 20.46
N VAL B 197 -9.26 1.20 21.81
CA VAL B 197 -8.04 1.41 22.60
C VAL B 197 -6.97 0.31 22.39
N GLU B 198 -7.34 -0.85 21.88
CA GLU B 198 -6.38 -1.91 21.57
C GLU B 198 -5.84 -1.81 20.15
N MSE B 199 -6.35 -0.90 19.31
CA MSE B 199 -5.87 -0.80 17.91
C MSE B 199 -4.48 -0.21 17.90
O MSE B 199 -4.27 0.95 18.29
CB MSE B 199 -6.82 0.04 17.02
CG MSE B 199 -8.17 -0.63 16.80
SE MSE B 199 -9.52 0.38 15.99
CE MSE B 199 -8.43 1.27 14.77
N GLN B 200 -3.51 -1.00 17.46
CA GLN B 200 -2.14 -0.51 17.39
C GLN B 200 -1.78 -0.01 16.02
N ASN B 201 -2.44 -0.54 15.00
CA ASN B 201 -2.16 -0.13 13.66
C ASN B 201 -3.33 0.67 13.22
N ARG B 202 -3.08 1.91 12.77
CA ARG B 202 -4.16 2.75 12.32
C ARG B 202 -3.79 3.48 11.07
N TYR B 203 -4.78 3.62 10.18
CA TYR B 203 -4.65 4.47 9.00
C TYR B 203 -4.38 5.89 9.44
N ASP B 204 -3.52 6.55 8.68
CA ASP B 204 -3.18 7.92 9.00
C ASP B 204 -4.43 8.77 8.84
N ALA B 205 -4.71 9.57 9.85
CA ALA B 205 -5.91 10.39 9.90
C ALA B 205 -5.87 11.17 11.20
N LYS B 206 -6.41 12.38 11.20
CA LYS B 206 -6.46 13.18 12.44
C LYS B 206 -7.69 12.75 13.26
N VAL B 207 -7.45 12.28 14.47
CA VAL B 207 -8.55 11.84 15.26
C VAL B 207 -8.80 12.92 16.34
N THR B 208 -10.07 13.33 16.41
CA THR B 208 -10.54 14.27 17.46
C THR B 208 -11.68 13.56 18.25
N VAL B 209 -11.44 13.21 19.51
CA VAL B 209 -12.44 12.56 20.35
C VAL B 209 -13.27 13.71 20.96
N TRP B 210 -14.57 13.71 20.68
CA TRP B 210 -15.46 14.79 21.08
C TRP B 210 -16.50 14.30 22.08
N VAL B 211 -16.62 14.96 23.23
CA VAL B 211 -17.56 14.44 24.26
C VAL B 211 -18.21 15.64 24.94
N GLY B 212 -19.41 15.45 25.45
CA GLY B 212 -20.14 16.53 26.07
C GLY B 212 -19.71 16.66 27.50
N GLY B 213 -19.52 17.89 27.95
CA GLY B 213 -19.00 18.12 29.29
C GLY B 213 -19.93 17.67 30.43
N ALA B 214 -21.22 17.62 30.13
CA ALA B 214 -22.21 17.21 31.11
C ALA B 214 -22.52 15.72 31.01
N GLU B 215 -21.81 14.99 30.17
CA GLU B 215 -22.10 13.58 29.99
C GLU B 215 -21.80 12.73 31.23
N ARG B 216 -22.25 11.48 31.20
CA ARG B 216 -22.00 10.53 32.28
C ARG B 216 -20.51 10.38 32.43
N PRO B 217 -20.03 10.26 33.66
CA PRO B 217 -18.60 10.01 33.90
C PRO B 217 -17.99 8.85 33.09
N ALA B 218 -18.77 7.80 32.87
CA ALA B 218 -18.33 6.65 32.08
C ALA B 218 -17.94 7.10 30.67
N PHE B 219 -18.76 7.95 30.07
CA PHE B 219 -18.47 8.50 28.73
C PHE B 219 -17.26 9.43 28.71
N LEU B 220 -17.10 10.25 29.75
CA LEU B 220 -15.94 11.08 29.86
C LEU B 220 -14.67 10.23 29.96
N ASP B 221 -14.75 9.10 30.66
CA ASP B 221 -13.62 8.19 30.77
C ASP B 221 -13.35 7.44 29.45
N GLN B 222 -14.44 6.99 28.81
CA GLN B 222 -14.35 6.29 27.51
C GLN B 222 -13.60 7.19 26.50
N ALA B 223 -13.95 8.48 26.52
CA ALA B 223 -13.31 9.46 25.68
C ALA B 223 -11.83 9.66 26.00
N ILE B 224 -11.46 9.93 27.25
CA ILE B 224 -10.04 10.13 27.55
C ILE B 224 -9.21 8.87 27.33
N TRP B 225 -9.77 7.66 27.51
CA TRP B 225 -9.00 6.44 27.27
C TRP B 225 -8.57 6.37 25.81
N LEU B 226 -9.42 6.85 24.89
CA LEU B 226 -9.07 6.81 23.47
C LEU B 226 -8.04 7.87 23.13
N VAL B 227 -8.21 9.06 23.71
CA VAL B 227 -7.27 10.14 23.57
C VAL B 227 -5.88 9.65 24.05
N GLU B 228 -5.84 9.04 25.24
CA GLU B 228 -4.57 8.57 25.74
C GLU B 228 -3.98 7.52 24.84
N ALA B 229 -4.82 6.57 24.41
CA ALA B 229 -4.33 5.41 23.63
C ALA B 229 -3.72 5.81 22.27
N TRP B 230 -4.32 6.78 21.62
CA TRP B 230 -3.95 7.17 20.26
C TRP B 230 -3.31 8.54 20.15
N ASP B 231 -3.08 9.21 21.27
CA ASP B 231 -2.61 10.57 21.27
C ASP B 231 -3.48 11.45 20.32
N ALA B 232 -4.79 11.34 20.49
CA ALA B 232 -5.73 12.04 19.63
C ALA B 232 -6.03 13.44 20.18
N ASP B 233 -6.70 14.25 19.37
CA ASP B 233 -7.21 15.56 19.88
C ASP B 233 -8.45 15.27 20.74
N HIS B 234 -8.83 16.24 21.58
CA HIS B 234 -9.90 16.05 22.55
C HIS B 234 -10.65 17.36 22.74
N VAL B 235 -11.97 17.29 22.60
CA VAL B 235 -12.86 18.42 22.75
C VAL B 235 -13.93 18.02 23.75
N ILE B 236 -14.06 18.82 24.81
CA ILE B 236 -15.13 18.63 25.79
C ILE B 236 -16.10 19.78 25.50
N ALA B 237 -17.28 19.45 24.99
CA ALA B 237 -18.25 20.45 24.55
C ALA B 237 -19.08 20.97 25.74
N PHE B 238 -18.84 22.24 26.08
CA PHE B 238 -19.43 22.88 27.24
C PHE B 238 -20.88 22.49 27.50
N GLU B 239 -21.10 21.87 28.65
CA GLU B 239 -22.44 21.49 29.17
C GLU B 239 -23.36 20.59 28.31
N LYS B 240 -22.77 19.97 27.28
CA LYS B 240 -23.54 19.04 26.47
C LYS B 240 -23.64 17.68 27.14
N HIS B 241 -24.76 17.02 26.87
CA HIS B 241 -24.95 15.69 27.35
C HIS B 241 -24.99 14.77 26.11
N HIS B 242 -25.24 13.49 26.36
CA HIS B 242 -25.15 12.47 25.30
C HIS B 242 -26.10 12.69 24.14
N PHE B 243 -27.32 13.18 24.41
CA PHE B 243 -28.26 13.32 23.36
C PHE B 243 -28.19 14.61 22.61
N ASN B 244 -27.64 15.65 23.21
CA ASN B 244 -27.55 16.95 22.47
C ASN B 244 -26.14 17.28 21.95
N VAL B 245 -25.15 16.46 22.32
CA VAL B 245 -23.78 16.67 21.84
C VAL B 245 -23.74 16.64 20.31
N ILE B 246 -24.66 15.91 19.70
CA ILE B 246 -24.71 15.77 18.25
C ILE B 246 -25.44 16.90 17.49
N GLU B 247 -26.21 17.75 18.18
CA GLU B 247 -27.01 18.82 17.49
C GLU B 247 -26.27 19.79 16.59
N PRO B 248 -25.05 20.20 17.00
CA PRO B 248 -24.23 21.11 16.19
C PRO B 248 -23.95 20.62 14.77
N LEU B 249 -24.09 19.32 14.50
CA LEU B 249 -23.96 18.80 13.14
C LEU B 249 -24.94 19.44 12.18
N ALA B 250 -26.07 19.90 12.71
CA ALA B 250 -27.08 20.54 11.92
C ALA B 250 -26.75 21.99 11.57
N ASP B 251 -25.68 22.56 12.12
CA ASP B 251 -25.34 23.96 11.92
C ASP B 251 -24.06 24.09 11.15
N PRO B 252 -24.13 24.66 9.95
CA PRO B 252 -22.94 24.86 9.13
C PRO B 252 -21.73 25.51 9.81
N GLU B 253 -21.98 26.39 10.77
CA GLU B 253 -20.90 27.16 11.36
C GLU B 253 -20.42 26.62 12.66
N SER B 254 -20.83 25.42 13.03
CA SER B 254 -20.46 24.86 14.33
C SER B 254 -19.03 24.41 14.41
N ASP B 255 -18.46 24.46 15.61
CA ASP B 255 -17.12 23.97 15.80
C ASP B 255 -17.03 22.49 15.45
N LEU B 256 -18.09 21.74 15.73
CA LEU B 256 -18.11 20.29 15.47
C LEU B 256 -17.97 20.02 14.00
N VAL B 257 -18.79 20.69 13.23
CA VAL B 257 -18.73 20.56 11.78
C VAL B 257 -17.37 21.01 11.27
N ALA B 258 -16.85 22.09 11.85
CA ALA B 258 -15.57 22.59 11.43
C ALA B 258 -14.45 21.53 11.57
N VAL B 259 -14.46 20.79 12.68
N VAL B 259 -14.47 20.81 12.69
CA VAL B 259 -13.42 19.80 12.92
CA VAL B 259 -13.48 19.75 12.96
C VAL B 259 -13.59 18.53 12.03
C VAL B 259 -13.61 18.57 11.99
N ILE B 260 -14.84 18.13 11.79
CA ILE B 260 -15.09 17.01 10.93
C ILE B 260 -14.59 17.27 9.52
N THR B 261 -14.75 18.51 9.08
CA THR B 261 -14.44 18.93 7.69
C THR B 261 -13.11 19.66 7.51
N ALA B 262 -12.32 19.84 8.57
CA ALA B 262 -11.08 20.56 8.51
C ALA B 262 -10.06 19.94 7.55
N GLY C 1 41.79 0.49 3.84
CA GLY C 1 42.86 0.98 2.94
C GLY C 1 43.24 -0.06 1.90
N MSE C 2 43.70 -1.23 2.38
CA MSE C 2 44.12 -2.30 1.49
C MSE C 2 44.17 -3.75 2.06
O MSE C 2 44.45 -4.68 1.30
CB MSE C 2 45.47 -1.95 0.87
N GLU C 3 43.89 -3.93 3.35
CA GLU C 3 43.91 -5.25 4.00
C GLU C 3 43.08 -6.33 3.30
N LEU C 4 41.92 -5.96 2.75
CA LEU C 4 41.06 -6.95 2.09
C LEU C 4 41.10 -6.93 0.58
N ASP C 5 42.08 -6.24 -0.01
CA ASP C 5 42.22 -6.22 -1.46
C ASP C 5 42.34 -7.61 -2.04
N ASP C 6 43.22 -8.43 -1.50
CA ASP C 6 43.45 -9.75 -2.04
C ASP C 6 42.20 -10.62 -1.88
N ALA C 7 41.50 -10.47 -0.75
CA ALA C 7 40.29 -11.25 -0.48
C ALA C 7 39.13 -11.03 -1.47
N TYR C 8 39.07 -9.82 -2.03
CA TYR C 8 38.04 -9.41 -3.00
C TYR C 8 38.47 -9.48 -4.48
N ALA C 9 39.68 -10.00 -4.72
CA ALA C 9 40.20 -10.18 -6.09
C ALA C 9 39.63 -11.47 -6.69
N ASN C 10 38.62 -11.33 -7.51
CA ASN C 10 37.91 -12.49 -8.10
C ASN C 10 38.61 -13.39 -9.08
N GLY C 11 39.52 -12.81 -9.87
CA GLY C 11 40.24 -13.56 -10.89
C GLY C 11 41.58 -14.13 -10.44
N ALA C 12 41.90 -13.96 -9.16
CA ALA C 12 43.18 -14.36 -8.56
C ALA C 12 43.51 -15.82 -8.79
N TYR C 13 42.52 -16.68 -8.61
CA TYR C 13 42.70 -18.12 -8.80
C TYR C 13 41.82 -18.66 -9.93
N ILE C 14 41.52 -17.80 -10.90
CA ILE C 14 40.75 -18.20 -12.08
C ILE C 14 41.72 -18.16 -13.27
N GLU C 15 41.95 -19.32 -13.87
CA GLU C 15 42.85 -19.43 -15.02
C GLU C 15 42.09 -18.86 -16.20
N GLY C 16 42.71 -17.91 -16.88
CA GLY C 16 42.10 -17.27 -18.05
C GLY C 16 41.18 -16.16 -17.66
N ALA C 17 41.38 -15.61 -16.47
CA ALA C 17 40.54 -14.58 -15.96
C ALA C 17 40.41 -13.40 -16.93
N ALA C 18 41.55 -12.79 -17.30
CA ALA C 18 41.59 -11.54 -18.13
C ALA C 18 41.03 -11.64 -19.58
N ASP C 19 40.76 -12.87 -19.99
CA ASP C 19 40.12 -13.20 -21.23
C ASP C 19 38.58 -13.35 -21.22
N TYR C 20 37.95 -13.32 -20.06
CA TYR C 20 36.44 -13.42 -20.01
C TYR C 20 35.81 -12.18 -20.69
N PRO C 21 36.32 -11.00 -20.37
CA PRO C 21 35.76 -9.80 -20.93
C PRO C 21 35.66 -9.71 -22.47
N PRO C 22 36.77 -9.98 -23.20
CA PRO C 22 36.59 -9.92 -24.65
C PRO C 22 35.58 -10.91 -25.20
N ARG C 23 35.50 -12.06 -24.57
CA ARG C 23 34.56 -13.10 -24.95
C ARG C 23 33.11 -12.65 -24.68
N TRP C 24 32.89 -12.06 -23.52
CA TRP C 24 31.58 -11.53 -23.16
C TRP C 24 31.14 -10.52 -24.19
N ALA C 25 32.03 -9.60 -24.50
CA ALA C 25 31.75 -8.55 -25.47
C ALA C 25 31.34 -9.11 -26.84
N ALA C 26 32.07 -10.14 -27.27
CA ALA C 26 31.85 -10.79 -28.55
C ALA C 26 30.57 -11.57 -28.56
N SER C 27 30.35 -12.36 -27.52
CA SER C 27 29.10 -13.08 -27.39
C SER C 27 27.91 -12.15 -27.37
N ALA C 28 28.01 -11.00 -26.68
CA ALA C 28 26.90 -10.08 -26.56
C ALA C 28 26.55 -9.40 -27.90
N GLU C 29 27.58 -8.97 -28.62
CA GLU C 29 27.42 -8.36 -29.93
C GLU C 29 26.84 -9.36 -30.91
N ASP C 30 27.33 -10.60 -30.88
N ASP C 30 27.35 -10.59 -30.88
CA ASP C 30 26.80 -11.65 -31.73
CA ASP C 30 26.86 -11.65 -31.77
C ASP C 30 25.31 -11.79 -31.44
C ASP C 30 25.37 -11.99 -31.43
N PHE C 31 25.00 -11.92 -30.16
CA PHE C 31 23.60 -12.13 -29.76
C PHE C 31 22.67 -11.03 -30.23
N ARG C 32 23.10 -9.77 -30.08
CA ARG C 32 22.23 -8.63 -30.41
C ARG C 32 21.85 -8.61 -31.89
N ASN C 33 22.84 -8.91 -32.72
CA ASN C 33 22.64 -9.00 -34.15
C ASN C 33 21.67 -10.16 -34.47
N SER C 34 21.86 -11.29 -33.82
CA SER C 34 20.98 -12.42 -34.03
C SER C 34 19.49 -12.21 -33.67
N LEU C 35 19.21 -11.24 -32.81
CA LEU C 35 17.85 -10.96 -32.37
C LEU C 35 17.17 -9.98 -33.33
N GLN C 36 17.98 -9.25 -34.11
CA GLN C 36 17.49 -8.32 -35.12
C GLN C 36 16.52 -7.26 -34.61
N ASP C 37 15.22 -7.38 -34.91
CA ASP C 37 14.24 -6.34 -34.56
C ASP C 37 13.75 -6.45 -33.13
N ARG C 38 13.87 -7.65 -32.57
CA ARG C 38 13.48 -7.90 -31.18
C ARG C 38 14.49 -7.33 -30.17
N ALA C 39 15.58 -6.73 -30.64
CA ALA C 39 16.52 -6.05 -29.78
C ALA C 39 16.22 -4.56 -29.80
N ARG C 40 15.64 -4.04 -28.71
CA ARG C 40 15.36 -2.61 -28.60
C ARG C 40 16.49 -2.02 -27.75
N LEU C 41 17.48 -1.43 -28.41
CA LEU C 41 18.68 -0.99 -27.73
C LEU C 41 18.59 0.44 -27.30
N ASN C 42 19.32 0.75 -26.24
CA ASN C 42 19.45 2.12 -25.77
C ASN C 42 18.19 2.96 -25.51
N LEU C 43 17.22 2.33 -24.88
CA LEU C 43 16.06 3.02 -24.35
C LEU C 43 16.56 3.85 -23.16
N SER C 44 16.02 5.04 -22.98
CA SER C 44 16.43 5.87 -21.87
C SER C 44 15.59 5.64 -20.62
N TYR C 45 16.25 5.62 -19.46
CA TYR C 45 15.53 5.68 -18.17
C TYR C 45 15.88 6.97 -17.47
N GLY C 46 16.82 7.73 -18.01
CA GLY C 46 17.24 8.98 -17.43
C GLY C 46 17.79 9.83 -18.55
N GLU C 47 18.20 11.05 -18.20
CA GLU C 47 18.74 11.97 -19.20
C GLU C 47 20.23 11.80 -19.39
N GLY C 48 20.91 11.12 -18.47
CA GLY C 48 22.36 10.89 -18.60
C GLY C 48 22.75 9.93 -19.71
N ASP C 49 23.96 10.09 -20.23
CA ASP C 49 24.43 9.23 -21.31
C ASP C 49 24.40 7.73 -20.98
N ARG C 50 24.61 7.37 -19.70
CA ARG C 50 24.61 5.94 -19.31
C ARG C 50 23.27 5.49 -18.68
N HIS C 51 22.26 6.37 -18.71
CA HIS C 51 20.95 6.04 -18.16
C HIS C 51 20.08 5.36 -19.22
N LYS C 52 20.58 4.27 -19.75
CA LYS C 52 19.95 3.57 -20.82
C LYS C 52 19.89 2.12 -20.48
N PHE C 53 18.95 1.42 -21.13
CA PHE C 53 18.88 -0.03 -21.05
C PHE C 53 18.52 -0.59 -22.43
N ASP C 54 18.87 -1.84 -22.64
CA ASP C 54 18.53 -2.61 -23.81
C ASP C 54 17.36 -3.48 -23.40
N LEU C 55 16.43 -3.65 -24.31
CA LEU C 55 15.27 -4.47 -24.06
C LEU C 55 15.14 -5.50 -25.19
N PHE C 56 15.20 -6.77 -24.78
CA PHE C 56 15.16 -7.92 -25.67
C PHE C 56 13.81 -8.60 -25.50
N LEU C 57 13.11 -8.77 -26.62
CA LEU C 57 11.76 -9.30 -26.61
C LEU C 57 11.75 -10.72 -27.12
N PRO C 58 10.90 -11.58 -26.53
CA PRO C 58 10.82 -12.96 -26.97
C PRO C 58 10.00 -13.07 -28.26
N GLU C 59 9.76 -14.29 -28.75
CA GLU C 59 8.93 -14.51 -29.96
C GLU C 59 7.48 -14.08 -29.76
N GLY C 60 6.84 -14.58 -28.72
CA GLY C 60 5.46 -14.23 -28.48
C GLY C 60 5.28 -13.10 -27.49
N THR C 61 4.04 -12.94 -27.06
CA THR C 61 3.65 -11.97 -26.03
C THR C 61 4.48 -12.30 -24.77
N PRO C 62 5.20 -11.33 -24.20
CA PRO C 62 6.02 -11.69 -23.04
C PRO C 62 5.24 -12.23 -21.84
N VAL C 63 5.81 -13.17 -21.12
CA VAL C 63 5.16 -13.71 -19.89
C VAL C 63 5.44 -12.83 -18.66
N GLY C 64 6.37 -11.88 -18.80
CA GLY C 64 6.72 -10.98 -17.72
C GLY C 64 8.02 -10.33 -18.12
N LEU C 65 8.56 -9.58 -17.18
CA LEU C 65 9.80 -8.85 -17.38
C LEU C 65 10.90 -9.44 -16.51
N PHE C 66 12.05 -9.66 -17.09
CA PHE C 66 13.27 -10.09 -16.35
C PHE C 66 14.31 -8.97 -16.48
N VAL C 67 14.76 -8.36 -15.38
CA VAL C 67 15.79 -7.33 -15.48
C VAL C 67 17.07 -7.95 -14.95
N PHE C 68 18.17 -7.86 -15.74
CA PHE C 68 19.49 -8.36 -15.32
C PHE C 68 20.44 -7.18 -15.15
N VAL C 69 21.03 -7.07 -13.97
CA VAL C 69 21.96 -5.98 -13.67
C VAL C 69 23.38 -6.55 -13.56
N HIS C 70 24.25 -6.08 -14.42
CA HIS C 70 25.61 -6.54 -14.47
C HIS C 70 26.52 -6.02 -13.33
N GLY C 71 27.67 -6.64 -13.25
CA GLY C 71 28.64 -6.32 -12.21
C GLY C 71 29.85 -5.58 -12.72
N GLY C 72 30.90 -5.62 -11.91
CA GLY C 72 32.11 -4.82 -12.17
C GLY C 72 32.45 -3.87 -11.05
N TYR C 73 32.09 -4.23 -9.82
CA TYR C 73 32.42 -3.46 -8.62
C TYR C 73 32.01 -1.97 -8.74
N TRP C 74 30.90 -1.72 -9.46
CA TRP C 74 30.32 -0.38 -9.62
C TRP C 74 31.29 0.61 -10.26
N MSE C 75 32.32 0.09 -10.92
CA MSE C 75 33.37 0.96 -11.48
C MSE C 75 33.85 0.58 -12.88
O MSE C 75 34.78 1.19 -13.36
CB MSE C 75 34.55 1.00 -10.51
CG MSE C 75 35.24 -0.33 -10.45
SE MSE C 75 36.85 -0.33 -9.31
CE MSE C 75 36.16 0.36 -7.73
N ALA C 76 33.23 -0.44 -13.50
CA ALA C 76 33.63 -0.94 -14.82
C ALA C 76 32.46 -1.63 -15.50
N PHE C 77 32.60 -1.76 -16.82
CA PHE C 77 31.70 -2.42 -17.73
C PHE C 77 30.42 -1.58 -17.98
N ASP C 78 29.62 -2.05 -18.92
CA ASP C 78 28.31 -1.52 -19.20
C ASP C 78 27.41 -2.68 -19.68
N LYS C 79 26.18 -2.36 -19.99
CA LYS C 79 25.19 -3.35 -20.41
C LYS C 79 25.64 -4.12 -21.63
N SER C 80 26.52 -3.52 -22.41
CA SER C 80 26.82 -4.16 -23.68
C SER C 80 27.65 -5.44 -23.57
N SER C 81 28.21 -5.76 -22.42
CA SER C 81 28.95 -7.02 -22.32
C SER C 81 28.09 -8.20 -21.91
N TRP C 82 26.78 -8.03 -21.81
CA TRP C 82 25.99 -9.09 -21.19
C TRP C 82 24.75 -9.57 -21.91
N SER C 83 24.53 -9.10 -23.13
CA SER C 83 23.26 -9.35 -23.86
C SER C 83 22.93 -10.79 -24.09
N HIS C 84 23.97 -11.56 -24.32
CA HIS C 84 23.88 -13.01 -24.56
C HIS C 84 23.32 -13.81 -23.39
N LEU C 85 23.29 -13.21 -22.21
CA LEU C 85 22.74 -13.85 -21.02
C LEU C 85 21.21 -13.81 -21.01
N ALA C 86 20.61 -13.14 -21.99
CA ALA C 86 19.14 -13.09 -22.09
C ALA C 86 18.52 -14.36 -22.69
N VAL C 87 19.30 -15.10 -23.48
CA VAL C 87 18.80 -16.26 -24.22
C VAL C 87 17.93 -17.21 -23.41
N GLY C 88 18.41 -17.63 -22.25
CA GLY C 88 17.69 -18.52 -21.40
C GLY C 88 16.25 -18.12 -21.07
N ALA C 89 16.07 -16.87 -20.60
CA ALA C 89 14.76 -16.38 -20.21
C ALA C 89 13.93 -16.03 -21.45
N LEU C 90 14.59 -15.49 -22.47
CA LEU C 90 13.90 -15.21 -23.73
C LEU C 90 13.19 -16.44 -24.23
N SER C 91 13.88 -17.57 -24.23
CA SER C 91 13.31 -18.84 -24.68
C SER C 91 12.08 -19.28 -23.88
N LYS C 92 11.94 -18.83 -22.63
CA LYS C 92 10.75 -19.15 -21.83
C LYS C 92 9.66 -18.06 -21.95
N GLY C 93 9.83 -17.12 -22.88
CA GLY C 93 8.88 -16.06 -23.14
C GLY C 93 8.97 -14.80 -22.29
N TRP C 94 10.11 -14.56 -21.66
CA TRP C 94 10.28 -13.34 -20.85
C TRP C 94 10.91 -12.29 -21.71
N ALA C 95 10.50 -11.04 -21.53
CA ALA C 95 11.23 -9.93 -22.13
C ALA C 95 12.41 -9.72 -21.13
N VAL C 96 13.58 -9.31 -21.60
CA VAL C 96 14.75 -9.18 -20.75
C VAL C 96 15.27 -7.75 -20.87
N ALA C 97 15.47 -7.10 -19.73
CA ALA C 97 15.99 -5.72 -19.72
C ALA C 97 17.34 -5.70 -19.08
N MSE C 98 18.28 -4.98 -19.70
CA MSE C 98 19.61 -4.87 -19.15
C MSE C 98 20.09 -3.42 -19.12
O MSE C 98 20.38 -2.82 -20.14
CB MSE C 98 20.60 -5.72 -19.94
CG MSE C 98 20.30 -7.18 -19.83
SE MSE C 98 21.78 -8.21 -20.58
CE MSE C 98 20.95 -9.89 -20.33
N PRO C 99 20.10 -2.82 -17.92
CA PRO C 99 20.58 -1.47 -17.84
C PRO C 99 22.08 -1.23 -17.66
N SER C 100 22.49 -0.04 -18.10
CA SER C 100 23.75 0.52 -17.72
C SER C 100 23.42 1.45 -16.58
N TYR C 101 24.47 1.99 -15.96
CA TYR C 101 24.41 2.98 -14.91
C TYR C 101 25.75 3.70 -14.82
N GLU C 102 25.74 4.89 -14.25
CA GLU C 102 26.98 5.64 -14.04
C GLU C 102 27.84 4.91 -13.03
N LEU C 103 29.14 5.19 -13.07
CA LEU C 103 30.10 4.44 -12.28
C LEU C 103 30.85 5.28 -11.24
N CYS C 104 31.30 4.61 -10.19
CA CYS C 104 32.18 5.19 -9.20
C CYS C 104 33.55 5.36 -9.88
N PRO C 105 34.24 6.44 -9.56
CA PRO C 105 33.97 7.53 -8.64
C PRO C 105 33.12 8.68 -9.18
N GLU C 106 32.56 8.62 -10.39
CA GLU C 106 31.74 9.72 -10.89
C GLU C 106 30.50 9.95 -10.05
N VAL C 107 29.92 8.84 -9.59
CA VAL C 107 28.77 8.83 -8.71
C VAL C 107 29.11 7.92 -7.52
N ARG C 108 28.26 7.93 -6.50
CA ARG C 108 28.44 7.07 -5.36
C ARG C 108 27.55 5.83 -5.56
N ILE C 109 27.83 4.75 -4.82
CA ILE C 109 26.99 3.51 -4.87
C ILE C 109 25.53 3.89 -4.60
N SER C 110 25.27 4.78 -3.64
CA SER C 110 23.86 5.12 -3.36
C SER C 110 23.15 5.70 -4.54
N GLU C 111 23.88 6.42 -5.37
CA GLU C 111 23.26 7.00 -6.58
C GLU C 111 23.04 5.91 -7.61
N ILE C 112 23.90 4.89 -7.64
CA ILE C 112 23.74 3.80 -8.59
C ILE C 112 22.49 3.02 -8.21
N THR C 113 22.29 2.81 -6.91
CA THR C 113 21.06 2.16 -6.45
C THR C 113 19.84 2.91 -6.95
N GLN C 114 19.87 4.22 -6.83
CA GLN C 114 18.76 5.03 -7.30
C GLN C 114 18.53 4.92 -8.82
N GLN C 115 19.60 4.92 -9.59
CA GLN C 115 19.58 4.71 -11.04
C GLN C 115 18.96 3.36 -11.40
N ILE C 116 19.31 2.32 -10.69
CA ILE C 116 18.73 1.03 -10.99
C ILE C 116 17.24 1.07 -10.67
N SER C 117 16.83 1.75 -9.59
CA SER C 117 15.42 1.92 -9.32
C SER C 117 14.69 2.58 -10.52
N GLN C 118 15.29 3.63 -11.07
CA GLN C 118 14.72 4.33 -12.22
C GLN C 118 14.65 3.39 -13.43
N ALA C 119 15.66 2.56 -13.58
CA ALA C 119 15.72 1.63 -14.71
C ALA C 119 14.66 0.54 -14.67
N VAL C 120 14.45 -0.05 -13.49
CA VAL C 120 13.48 -1.12 -13.32
C VAL C 120 12.08 -0.53 -13.58
N THR C 121 11.80 0.62 -13.00
CA THR C 121 10.55 1.31 -13.16
C THR C 121 10.27 1.60 -14.64
N ALA C 122 11.28 2.05 -15.36
CA ALA C 122 11.19 2.32 -16.77
C ALA C 122 10.90 1.05 -17.56
N ALA C 123 11.65 0.00 -17.31
CA ALA C 123 11.42 -1.24 -18.04
C ALA C 123 10.05 -1.84 -17.66
N ALA C 124 9.62 -1.64 -16.42
CA ALA C 124 8.32 -2.10 -15.95
C ALA C 124 7.16 -1.41 -16.67
N LYS C 125 7.41 -0.25 -17.30
CA LYS C 125 6.40 0.42 -18.07
C LYS C 125 6.33 -0.15 -19.49
N GLU C 126 7.43 -0.69 -19.99
CA GLU C 126 7.46 -1.21 -21.36
C GLU C 126 6.86 -2.59 -21.44
N ILE C 127 6.96 -3.36 -20.36
CA ILE C 127 6.52 -4.73 -20.31
C ILE C 127 5.56 -4.94 -19.19
N ASP C 128 4.43 -5.54 -19.51
CA ASP C 128 3.42 -5.87 -18.50
C ASP C 128 3.71 -7.23 -17.90
N GLY C 129 3.19 -7.43 -16.70
CA GLY C 129 3.22 -8.71 -16.05
C GLY C 129 4.19 -8.80 -14.88
N PRO C 130 4.37 -10.01 -14.35
CA PRO C 130 5.28 -10.17 -13.22
C PRO C 130 6.74 -9.77 -13.60
N ILE C 131 7.50 -9.39 -12.60
CA ILE C 131 8.85 -8.93 -12.79
C ILE C 131 9.76 -9.84 -12.00
N VAL C 132 10.83 -10.32 -12.65
CA VAL C 132 11.83 -11.11 -11.93
C VAL C 132 13.17 -10.39 -12.13
N LEU C 133 14.00 -10.43 -11.10
CA LEU C 133 15.28 -9.75 -11.14
C LEU C 133 16.45 -10.68 -10.87
N ALA C 134 17.56 -10.39 -11.53
CA ALA C 134 18.83 -11.05 -11.23
C ALA C 134 19.95 -10.05 -11.57
N GLY C 135 21.04 -10.16 -10.85
CA GLY C 135 22.17 -9.28 -11.01
C GLY C 135 23.40 -9.99 -10.48
N HIS C 136 24.56 -9.69 -11.05
CA HIS C 136 25.80 -10.36 -10.68
C HIS C 136 26.81 -9.46 -9.98
N SER C 137 27.27 -9.90 -8.79
CA SER C 137 28.34 -9.23 -8.08
C SER C 137 27.81 -7.87 -7.60
N ALA C 138 28.37 -6.73 -8.04
CA ALA C 138 27.78 -5.43 -7.71
C ALA C 138 26.31 -5.36 -8.21
N GLY C 139 26.01 -6.08 -9.28
CA GLY C 139 24.65 -6.15 -9.80
C GLY C 139 23.77 -6.97 -8.86
N GLY C 140 24.39 -7.90 -8.13
CA GLY C 140 23.66 -8.70 -7.16
C GLY C 140 23.23 -7.78 -6.03
N HIS C 141 24.16 -7.00 -5.54
CA HIS C 141 23.87 -5.98 -4.57
C HIS C 141 22.70 -5.12 -5.10
N LEU C 142 22.84 -4.63 -6.33
CA LEU C 142 21.85 -3.72 -6.86
C LEU C 142 20.42 -4.29 -6.94
N VAL C 143 20.28 -5.54 -7.35
CA VAL C 143 18.94 -6.16 -7.39
C VAL C 143 18.45 -6.43 -5.97
N ALA C 144 19.35 -6.79 -5.05
CA ALA C 144 18.90 -7.00 -3.68
C ALA C 144 18.30 -5.68 -3.16
N ARG C 145 18.93 -4.56 -3.50
CA ARG C 145 18.45 -3.26 -3.03
C ARG C 145 17.04 -2.89 -3.56
N MSE C 146 16.63 -3.50 -4.66
CA MSE C 146 15.28 -3.26 -5.20
C MSE C 146 14.15 -3.82 -4.31
O MSE C 146 12.99 -3.46 -4.50
CB MSE C 146 15.19 -3.79 -6.67
CG MSE C 146 16.17 -3.16 -7.73
SE MSE C 146 15.91 -1.24 -7.81
CE MSE C 146 17.58 -0.75 -6.71
N LEU C 147 14.43 -4.65 -3.31
CA LEU C 147 13.40 -5.10 -2.40
C LEU C 147 13.13 -4.07 -1.25
N ASP C 148 13.75 -2.87 -1.33
CA ASP C 148 13.59 -1.85 -0.27
C ASP C 148 12.50 -0.88 -0.70
N PRO C 149 11.37 -0.82 0.05
CA PRO C 149 10.31 0.11 -0.33
C PRO C 149 10.67 1.58 -0.28
N GLU C 150 11.78 1.94 0.36
CA GLU C 150 12.25 3.31 0.34
C GLU C 150 12.97 3.66 -0.98
N VAL C 151 13.38 2.64 -1.73
CA VAL C 151 14.08 2.80 -3.02
C VAL C 151 13.13 2.68 -4.26
N LEU C 152 12.36 1.60 -4.37
CA LEU C 152 11.56 1.34 -5.57
C LEU C 152 10.07 1.63 -5.35
N PRO C 153 9.35 2.26 -6.33
CA PRO C 153 7.91 2.44 -6.08
C PRO C 153 7.08 1.16 -5.80
N GLU C 154 6.06 1.27 -4.95
CA GLU C 154 5.15 0.12 -4.57
C GLU C 154 4.59 -0.62 -5.73
N ALA C 155 4.13 0.16 -6.70
CA ALA C 155 3.56 -0.33 -7.97
C ALA C 155 4.48 -1.25 -8.77
N VAL C 156 5.79 -1.00 -8.71
CA VAL C 156 6.74 -1.86 -9.37
C VAL C 156 7.04 -3.01 -8.43
N GLY C 157 7.39 -2.65 -7.19
CA GLY C 157 7.73 -3.61 -6.14
C GLY C 157 6.71 -4.73 -5.94
N ALA C 158 5.44 -4.37 -5.95
CA ALA C 158 4.33 -5.37 -5.77
C ALA C 158 4.35 -6.49 -6.86
N ARG C 159 4.90 -6.17 -8.01
CA ARG C 159 5.02 -7.10 -9.14
C ARG C 159 6.22 -8.01 -9.09
N ILE C 160 7.16 -7.76 -8.19
CA ILE C 160 8.37 -8.57 -8.18
C ILE C 160 8.10 -9.91 -7.54
N ARG C 161 8.31 -10.95 -8.35
CA ARG C 161 8.08 -12.35 -7.94
C ARG C 161 9.30 -13.00 -7.35
N ASN C 162 10.42 -12.92 -8.05
CA ASN C 162 11.68 -13.56 -7.63
C ASN C 162 12.84 -12.61 -7.75
N VAL C 163 13.82 -12.77 -6.86
CA VAL C 163 15.06 -12.01 -6.98
C VAL C 163 16.20 -13.00 -6.73
N VAL C 164 17.15 -13.03 -7.67
CA VAL C 164 18.27 -13.93 -7.61
C VAL C 164 19.60 -13.14 -7.67
N PRO C 165 20.10 -12.72 -6.49
CA PRO C 165 21.42 -12.10 -6.38
C PRO C 165 22.47 -13.20 -6.62
N ILE C 166 23.26 -12.99 -7.67
CA ILE C 166 24.27 -13.94 -8.06
C ILE C 166 25.62 -13.38 -7.61
N SER C 167 26.22 -14.07 -6.65
CA SER C 167 27.50 -13.69 -6.06
C SER C 167 27.46 -12.25 -5.60
N PRO C 168 26.41 -11.89 -4.84
CA PRO C 168 26.20 -10.48 -4.43
C PRO C 168 27.19 -9.96 -3.40
N LEU C 169 27.30 -8.64 -3.31
CA LEU C 169 27.91 -7.99 -2.15
C LEU C 169 26.69 -7.64 -1.31
N SER C 170 26.48 -8.30 -0.17
CA SER C 170 25.33 -8.02 0.67
C SER C 170 25.64 -7.13 1.89
N ASP C 171 26.92 -7.12 2.31
CA ASP C 171 27.41 -6.28 3.39
C ASP C 171 28.58 -5.51 2.81
N LEU C 172 28.44 -4.20 2.73
CA LEU C 172 29.48 -3.37 2.12
C LEU C 172 30.59 -2.88 3.09
N ARG C 173 30.43 -3.14 4.38
N ARG C 173 30.42 -3.18 4.38
CA ARG C 173 31.44 -2.73 5.36
CA ARG C 173 31.39 -2.81 5.42
C ARG C 173 32.87 -3.21 5.06
C ARG C 173 32.83 -3.21 5.08
N PRO C 174 33.05 -4.47 4.62
CA PRO C 174 34.44 -4.86 4.32
C PRO C 174 35.12 -4.06 3.23
N LEU C 175 34.34 -3.43 2.34
CA LEU C 175 34.95 -2.66 1.25
C LEU C 175 35.69 -1.43 1.78
N LEU C 176 35.38 -1.02 3.00
CA LEU C 176 36.10 0.09 3.67
C LEU C 176 37.56 -0.31 3.95
N ARG C 177 37.83 -1.62 3.89
CA ARG C 177 39.17 -2.16 4.10
C ARG C 177 39.77 -2.61 2.77
N THR C 178 39.26 -2.04 1.68
CA THR C 178 39.81 -2.26 0.35
C THR C 178 40.17 -0.90 -0.28
N SER C 179 41.07 -0.96 -1.27
CA SER C 179 41.47 0.19 -2.07
C SER C 179 40.35 0.73 -2.95
N MSE C 180 39.34 -0.11 -3.22
CA MSE C 180 38.18 0.35 -4.00
C MSE C 180 37.43 1.47 -3.32
O MSE C 180 36.75 2.23 -3.96
CB MSE C 180 37.23 -0.82 -4.25
CG MSE C 180 37.81 -1.88 -5.13
SE MSE C 180 36.52 -3.37 -5.40
CE MSE C 180 36.93 -4.46 -3.70
N ASN C 181 37.55 1.59 -2.00
CA ASN C 181 36.85 2.67 -1.34
C ASN C 181 37.43 4.05 -1.67
N GLU C 182 38.56 4.09 -2.38
CA GLU C 182 39.10 5.35 -2.90
C GLU C 182 38.13 5.90 -3.94
N LYS C 183 37.46 5.00 -4.66
CA LYS C 183 36.41 5.34 -5.61
C LYS C 183 35.02 5.42 -4.99
N PHE C 184 34.67 4.52 -4.05
CA PHE C 184 33.32 4.58 -3.47
C PHE C 184 33.18 5.74 -2.51
N LYS C 185 34.24 5.98 -1.74
CA LYS C 185 34.30 7.08 -0.76
C LYS C 185 33.27 6.97 0.35
N MSE C 186 33.06 5.76 0.86
CA MSE C 186 32.08 5.57 1.90
C MSE C 186 32.70 5.62 3.30
O MSE C 186 33.81 5.15 3.52
CB MSE C 186 31.41 4.19 1.74
CG MSE C 186 30.52 4.09 0.47
SE MSE C 186 29.77 2.28 0.40
CE MSE C 186 31.43 1.19 0.33
N ASP C 187 31.96 6.18 4.22
CA ASP C 187 32.29 6.02 5.63
C ASP C 187 31.37 4.88 6.10
N ALA C 188 31.44 4.55 7.38
CA ALA C 188 30.64 3.47 7.94
C ALA C 188 29.17 3.61 7.70
N ASP C 189 28.60 4.77 7.99
CA ASP C 189 27.16 4.96 7.77
C ASP C 189 26.73 4.72 6.32
N ALA C 190 27.54 5.19 5.38
CA ALA C 190 27.23 5.03 3.95
C ALA C 190 27.23 3.56 3.54
N ALA C 191 28.21 2.80 4.04
CA ALA C 191 28.30 1.36 3.75
C ALA C 191 27.13 0.63 4.38
N ILE C 192 26.72 1.08 5.57
CA ILE C 192 25.57 0.47 6.27
C ILE C 192 24.28 0.75 5.52
N ALA C 193 24.12 2.01 5.12
CA ALA C 193 22.92 2.45 4.39
C ALA C 193 22.71 1.69 3.08
N GLU C 194 23.77 1.29 2.44
CA GLU C 194 23.69 0.57 1.18
C GLU C 194 23.90 -0.96 1.24
N SER C 195 23.95 -1.53 2.43
CA SER C 195 24.12 -2.97 2.60
C SER C 195 22.76 -3.73 2.62
N PRO C 196 22.52 -4.63 1.64
CA PRO C 196 21.30 -5.45 1.79
C PRO C 196 21.07 -6.18 3.13
N VAL C 197 22.11 -6.62 3.84
CA VAL C 197 21.86 -7.28 5.11
C VAL C 197 21.08 -6.42 6.11
N GLU C 198 21.13 -5.08 5.92
CA GLU C 198 20.41 -4.15 6.81
C GLU C 198 18.96 -3.89 6.47
N MSE C 199 18.49 -4.35 5.33
CA MSE C 199 17.12 -4.05 4.91
C MSE C 199 16.04 -4.82 5.68
O MSE C 199 16.16 -6.02 5.83
CB MSE C 199 16.97 -4.29 3.41
CG MSE C 199 17.72 -3.26 2.52
SE MSE C 199 17.87 -3.96 0.72
CE MSE C 199 16.08 -4.62 0.55
N GLN C 200 15.00 -4.10 6.11
CA GLN C 200 13.86 -4.67 6.84
C GLN C 200 12.57 -4.35 6.12
N ASN C 201 11.52 -5.11 6.45
CA ASN C 201 10.20 -4.89 5.84
C ASN C 201 10.26 -4.70 4.32
N ARG C 202 10.90 -5.69 3.71
CA ARG C 202 11.17 -5.74 2.29
C ARG C 202 9.94 -6.12 1.45
N TYR C 203 9.97 -5.81 0.15
CA TYR C 203 8.97 -6.41 -0.75
C TYR C 203 9.04 -7.91 -0.70
N ASP C 204 7.92 -8.53 -0.96
CA ASP C 204 7.73 -9.97 -0.79
C ASP C 204 8.25 -10.96 -1.84
N ALA C 205 9.26 -10.63 -2.60
CA ALA C 205 9.76 -11.58 -3.60
C ALA C 205 10.40 -12.81 -2.96
N LYS C 206 10.47 -13.90 -3.70
CA LYS C 206 11.24 -15.06 -3.24
C LYS C 206 12.71 -14.81 -3.62
N VAL C 207 13.59 -14.82 -2.63
CA VAL C 207 15.00 -14.55 -2.90
C VAL C 207 15.83 -15.83 -2.83
N THR C 208 16.64 -16.06 -3.87
CA THR C 208 17.58 -17.21 -3.91
C THR C 208 18.96 -16.60 -4.16
N VAL C 209 19.85 -16.70 -3.17
CA VAL C 209 21.19 -16.20 -3.30
C VAL C 209 21.96 -17.33 -3.95
N TRP C 210 22.56 -17.02 -5.09
CA TRP C 210 23.30 -18.00 -5.92
C TRP C 210 24.78 -17.61 -5.98
N VAL C 211 25.69 -18.54 -5.62
CA VAL C 211 27.13 -18.25 -5.61
C VAL C 211 27.93 -19.49 -6.09
N GLY C 212 29.00 -19.25 -6.85
CA GLY C 212 29.85 -20.37 -7.31
C GLY C 212 30.59 -21.05 -6.17
N GLY C 213 30.59 -22.39 -6.19
CA GLY C 213 31.33 -23.20 -5.19
C GLY C 213 32.85 -23.02 -5.18
N ALA C 214 33.40 -22.52 -6.29
CA ALA C 214 34.84 -22.26 -6.42
C ALA C 214 35.16 -20.78 -6.33
N GLU C 215 34.24 -19.96 -5.78
CA GLU C 215 34.50 -18.52 -5.67
C GLU C 215 35.40 -18.21 -4.47
N ARG C 216 35.80 -16.96 -4.33
CA ARG C 216 36.61 -16.56 -3.19
C ARG C 216 35.83 -16.72 -1.90
N PRO C 217 36.50 -17.13 -0.80
CA PRO C 217 35.83 -17.19 0.51
C PRO C 217 34.99 -15.93 0.83
N ALA C 218 35.51 -14.75 0.51
CA ALA C 218 34.79 -13.49 0.71
C ALA C 218 33.38 -13.56 0.09
N PHE C 219 33.29 -14.10 -1.13
CA PHE C 219 32.00 -14.19 -1.81
C PHE C 219 31.16 -15.31 -1.24
N LEU C 220 31.75 -16.42 -0.77
CA LEU C 220 30.95 -17.45 -0.11
C LEU C 220 30.31 -16.82 1.18
N ASP C 221 31.08 -15.99 1.87
CA ASP C 221 30.65 -15.31 3.07
C ASP C 221 29.58 -14.26 2.77
N GLN C 222 29.82 -13.42 1.77
CA GLN C 222 28.80 -12.40 1.36
C GLN C 222 27.43 -13.01 1.04
N ALA C 223 27.44 -14.17 0.39
CA ALA C 223 26.24 -14.87 0.06
C ALA C 223 25.49 -15.40 1.29
N ILE C 224 26.20 -16.08 2.16
CA ILE C 224 25.59 -16.68 3.35
C ILE C 224 25.10 -15.59 4.31
N TRP C 225 25.80 -14.47 4.38
CA TRP C 225 25.35 -13.36 5.24
C TRP C 225 23.96 -12.96 4.80
N LEU C 226 23.72 -12.88 3.50
CA LEU C 226 22.39 -12.45 3.00
C LEU C 226 21.31 -13.50 3.19
N VAL C 227 21.70 -14.75 2.98
CA VAL C 227 20.82 -15.90 3.21
C VAL C 227 20.35 -15.87 4.65
N GLU C 228 21.28 -15.70 5.57
CA GLU C 228 20.97 -15.66 6.99
C GLU C 228 20.15 -14.47 7.37
N ALA C 229 20.52 -13.30 6.86
CA ALA C 229 19.76 -12.07 7.17
C ALA C 229 18.32 -12.07 6.66
N TRP C 230 18.05 -12.65 5.48
CA TRP C 230 16.73 -12.64 4.91
C TRP C 230 15.99 -14.00 4.92
N ASP C 231 16.60 -15.04 5.48
CA ASP C 231 16.04 -16.38 5.38
C ASP C 231 15.78 -16.71 3.92
N ALA C 232 16.76 -16.37 3.11
CA ALA C 232 16.64 -16.62 1.67
C ALA C 232 17.07 -18.02 1.34
N ASP C 233 16.68 -18.50 0.15
CA ASP C 233 17.18 -19.76 -0.38
C ASP C 233 18.64 -19.53 -0.76
N HIS C 234 19.39 -20.63 -0.89
CA HIS C 234 20.84 -20.57 -1.10
C HIS C 234 21.20 -21.70 -2.08
N VAL C 235 21.88 -21.36 -3.16
CA VAL C 235 22.37 -22.35 -4.11
C VAL C 235 23.86 -22.11 -4.26
N ILE C 236 24.64 -23.15 -4.03
CA ILE C 236 26.08 -23.08 -4.28
C ILE C 236 26.32 -23.90 -5.56
N ALA C 237 26.63 -23.22 -6.67
CA ALA C 237 26.79 -23.87 -7.95
C ALA C 237 28.16 -24.59 -8.06
N PHE C 238 28.09 -25.91 -8.13
CA PHE C 238 29.23 -26.82 -8.16
C PHE C 238 30.31 -26.36 -9.13
N GLU C 239 31.51 -26.18 -8.55
CA GLU C 239 32.71 -25.82 -9.29
C GLU C 239 32.72 -24.47 -10.05
N LYS C 240 31.68 -23.64 -9.90
CA LYS C 240 31.67 -22.35 -10.58
C LYS C 240 32.47 -21.30 -9.82
N HIS C 241 33.14 -20.44 -10.60
CA HIS C 241 33.88 -19.28 -10.12
C HIS C 241 33.11 -17.98 -10.50
N HIS C 242 33.64 -16.83 -10.07
CA HIS C 242 32.92 -15.58 -10.20
C HIS C 242 32.63 -15.23 -11.62
N PHE C 243 33.44 -15.70 -12.54
CA PHE C 243 33.23 -15.39 -13.93
C PHE C 243 32.36 -16.32 -14.75
N ASN C 244 32.24 -17.59 -14.35
CA ASN C 244 31.39 -18.53 -15.11
C ASN C 244 30.07 -18.86 -14.43
N VAL C 245 29.86 -18.36 -13.21
CA VAL C 245 28.60 -18.60 -12.49
C VAL C 245 27.40 -18.06 -13.30
N ILE C 246 27.64 -17.02 -14.09
CA ILE C 246 26.60 -16.39 -14.93
C ILE C 246 26.28 -17.11 -16.28
N GLU C 247 27.21 -17.93 -16.75
CA GLU C 247 27.04 -18.63 -18.06
C GLU C 247 25.70 -19.33 -18.27
N PRO C 248 25.20 -20.08 -17.26
CA PRO C 248 23.90 -20.75 -17.42
C PRO C 248 22.66 -19.86 -17.73
N LEU C 249 22.76 -18.55 -17.54
CA LEU C 249 21.67 -17.68 -17.94
C LEU C 249 21.40 -17.82 -19.46
N ALA C 250 22.42 -18.24 -20.19
CA ALA C 250 22.30 -18.47 -21.64
C ALA C 250 21.59 -19.78 -21.99
N ASP C 251 21.47 -20.68 -21.03
CA ASP C 251 20.86 -22.01 -21.22
C ASP C 251 19.40 -22.07 -20.76
N PRO C 252 18.44 -22.21 -21.70
CA PRO C 252 17.01 -22.31 -21.31
C PRO C 252 16.64 -23.33 -20.26
N GLU C 253 17.36 -24.45 -20.24
CA GLU C 253 17.07 -25.53 -19.30
C GLU C 253 17.89 -25.51 -18.01
N SER C 254 18.69 -24.48 -17.81
CA SER C 254 19.47 -24.41 -16.59
C SER C 254 18.61 -24.17 -15.33
N ASP C 255 19.12 -24.67 -14.22
CA ASP C 255 18.49 -24.47 -12.92
C ASP C 255 18.50 -23.00 -12.58
N LEU C 256 19.54 -22.28 -12.97
CA LEU C 256 19.60 -20.84 -12.70
C LEU C 256 18.41 -20.16 -13.37
N VAL C 257 18.21 -20.40 -14.66
CA VAL C 257 17.07 -19.85 -15.37
C VAL C 257 15.76 -20.38 -14.76
N ALA C 258 15.74 -21.63 -14.30
CA ALA C 258 14.54 -22.16 -13.66
C ALA C 258 14.17 -21.37 -12.42
N VAL C 259 15.15 -21.00 -11.59
N VAL C 259 15.14 -21.03 -11.58
CA VAL C 259 14.84 -20.33 -10.32
CA VAL C 259 14.86 -20.31 -10.32
C VAL C 259 14.49 -18.86 -10.54
C VAL C 259 14.38 -18.91 -10.63
N ILE C 260 15.06 -18.27 -11.59
CA ILE C 260 14.73 -16.87 -11.93
C ILE C 260 13.29 -16.75 -12.40
N THR C 261 12.87 -17.68 -13.25
CA THR C 261 11.56 -17.65 -13.87
C THR C 261 10.48 -18.47 -13.21
N ALA C 262 10.77 -19.08 -12.07
CA ALA C 262 9.83 -19.95 -11.36
C ALA C 262 8.62 -19.24 -10.93
N GLY D 1 13.42 29.78 -26.20
CA GLY D 1 14.66 30.57 -26.26
C GLY D 1 14.60 31.79 -25.37
N MSE D 2 13.63 32.67 -25.64
CA MSE D 2 13.45 33.89 -24.87
C MSE D 2 12.04 34.59 -24.91
O MSE D 2 11.83 35.56 -24.19
CB MSE D 2 14.53 34.90 -25.27
N GLU D 3 11.10 34.09 -25.72
CA GLU D 3 9.78 34.74 -25.83
C GLU D 3 9.06 34.94 -24.49
N LEU D 4 9.24 34.03 -23.54
CA LEU D 4 8.56 34.15 -22.24
C LEU D 4 9.44 34.64 -21.08
N ASP D 5 10.63 35.15 -21.39
CA ASP D 5 11.49 35.70 -20.36
C ASP D 5 10.82 36.80 -19.52
N ASP D 6 10.20 37.76 -20.20
CA ASP D 6 9.59 38.88 -19.50
C ASP D 6 8.41 38.42 -18.67
N ALA D 7 7.62 37.48 -19.18
CA ALA D 7 6.44 36.94 -18.49
C ALA D 7 6.75 36.27 -17.14
N TYR D 8 7.94 35.66 -17.06
CA TYR D 8 8.44 34.96 -15.87
C TYR D 8 9.33 35.77 -14.96
N ALA D 9 9.53 37.05 -15.29
CA ALA D 9 10.37 37.92 -14.47
C ALA D 9 9.54 38.41 -13.29
N ASN D 10 9.73 37.79 -12.15
CA ASN D 10 8.91 38.10 -10.98
C ASN D 10 9.02 39.42 -10.35
N GLY D 11 10.17 40.06 -10.48
CA GLY D 11 10.38 41.33 -9.82
C GLY D 11 10.16 42.52 -10.69
N ALA D 12 9.74 42.28 -11.95
CA ALA D 12 9.58 43.31 -12.97
C ALA D 12 8.77 44.49 -12.49
N TYR D 13 7.77 44.23 -11.68
CA TYR D 13 6.91 45.29 -11.17
C TYR D 13 6.84 45.34 -9.68
N ILE D 14 7.82 44.75 -9.00
CA ILE D 14 7.84 44.80 -7.54
C ILE D 14 8.73 45.95 -7.17
N GLU D 15 8.23 46.83 -6.32
CA GLU D 15 9.02 47.97 -5.84
C GLU D 15 10.06 47.47 -4.84
N GLY D 16 11.32 47.77 -5.11
CA GLY D 16 12.46 47.38 -4.25
C GLY D 16 12.66 45.89 -4.22
N ALA D 17 12.58 45.26 -5.39
CA ALA D 17 12.69 43.83 -5.53
C ALA D 17 14.04 43.27 -5.04
N ALA D 18 15.09 44.06 -5.21
CA ALA D 18 16.43 43.61 -4.81
C ALA D 18 16.70 43.89 -3.33
N ASP D 19 15.78 44.52 -2.61
CA ASP D 19 15.98 44.68 -1.18
C ASP D 19 15.53 43.40 -0.44
N TYR D 20 14.95 42.43 -1.15
CA TYR D 20 14.44 41.19 -0.53
C TYR D 20 15.51 40.20 -0.10
N PRO D 21 16.39 39.74 -1.02
CA PRO D 21 17.41 38.78 -0.61
C PRO D 21 18.20 39.13 0.67
N PRO D 22 18.60 40.41 0.83
CA PRO D 22 19.25 40.86 2.06
C PRO D 22 18.42 40.73 3.30
N ARG D 23 17.19 41.21 3.24
CA ARG D 23 16.34 41.12 4.40
C ARG D 23 16.10 39.65 4.78
N TRP D 24 15.81 38.82 3.79
CA TRP D 24 15.55 37.41 4.04
C TRP D 24 16.74 36.82 4.76
N ALA D 25 17.94 37.08 4.25
CA ALA D 25 19.19 36.56 4.84
C ALA D 25 19.35 37.00 6.28
N ALA D 26 19.20 38.30 6.50
CA ALA D 26 19.32 38.90 7.84
C ALA D 26 18.28 38.33 8.80
N SER D 27 17.03 38.31 8.38
CA SER D 27 15.97 37.75 9.19
C SER D 27 16.23 36.29 9.56
N ALA D 28 16.68 35.52 8.58
CA ALA D 28 16.93 34.11 8.80
C ALA D 28 18.07 33.88 9.80
N GLU D 29 19.13 34.67 9.70
CA GLU D 29 20.27 34.53 10.63
C GLU D 29 19.83 34.94 12.04
N ASP D 30 19.07 36.03 12.12
CA ASP D 30 18.59 36.50 13.42
C ASP D 30 17.75 35.42 14.07
N PHE D 31 16.88 34.81 13.27
CA PHE D 31 16.04 33.74 13.78
C PHE D 31 16.84 32.53 14.28
N ARG D 32 17.82 32.07 13.51
CA ARG D 32 18.60 30.88 13.93
C ARG D 32 19.27 31.10 15.27
N ASN D 33 19.90 32.27 15.37
CA ASN D 33 20.54 32.71 16.60
C ASN D 33 19.50 32.69 17.75
N SER D 34 18.36 33.30 17.54
CA SER D 34 17.34 33.36 18.57
C SER D 34 16.84 32.01 19.09
N LEU D 35 16.92 30.99 18.25
CA LEU D 35 16.37 29.71 18.62
C LEU D 35 17.37 28.88 19.42
N GLN D 36 18.65 29.24 19.33
CA GLN D 36 19.72 28.56 20.07
C GLN D 36 19.61 27.05 19.95
N ASP D 37 19.45 26.35 21.09
CA ASP D 37 19.37 24.87 21.17
C ASP D 37 18.37 24.18 20.26
N ARG D 38 17.26 24.86 19.97
CA ARG D 38 16.19 24.28 19.17
C ARG D 38 16.42 24.35 17.66
N ALA D 39 17.57 24.89 17.24
CA ALA D 39 17.96 24.92 15.84
C ALA D 39 19.00 23.85 15.59
N ARG D 40 18.61 22.76 14.90
CA ARG D 40 19.53 21.68 14.54
C ARG D 40 19.89 21.96 13.08
N LEU D 41 21.07 22.53 12.85
CA LEU D 41 21.49 22.98 11.53
C LEU D 41 22.29 21.97 10.78
N ASN D 42 22.12 21.98 9.46
CA ASN D 42 22.92 21.17 8.55
C ASN D 42 22.90 19.66 8.77
N LEU D 43 21.73 19.12 9.02
CA LEU D 43 21.59 17.67 9.11
C LEU D 43 21.69 17.18 7.66
N SER D 44 22.26 16.00 7.48
CA SER D 44 22.43 15.44 6.15
C SER D 44 21.25 14.57 5.72
N TYR D 45 20.82 14.73 4.47
CA TYR D 45 19.87 13.80 3.90
C TYR D 45 20.54 13.02 2.80
N GLY D 46 21.78 13.39 2.48
CA GLY D 46 22.50 12.81 1.36
C GLY D 46 23.96 13.14 1.52
N GLU D 47 24.82 12.66 0.62
CA GLU D 47 26.27 12.82 0.77
C GLU D 47 26.88 14.08 0.19
N GLY D 48 26.16 14.78 -0.67
CA GLY D 48 26.65 15.98 -1.32
C GLY D 48 26.68 17.17 -0.38
N ASP D 49 27.48 18.16 -0.74
CA ASP D 49 27.62 19.29 0.15
C ASP D 49 26.31 20.04 0.36
N ARG D 50 25.43 20.08 -0.65
CA ARG D 50 24.15 20.79 -0.48
C ARG D 50 22.99 19.87 -0.07
N HIS D 51 23.27 18.60 0.21
CA HIS D 51 22.22 17.67 0.63
C HIS D 51 22.04 17.72 2.13
N LYS D 52 21.62 18.88 2.58
CA LYS D 52 21.51 19.21 3.97
C LYS D 52 20.16 19.87 4.22
N PHE D 53 19.67 19.76 5.47
CA PHE D 53 18.47 20.51 5.85
C PHE D 53 18.60 21.03 7.28
N ASP D 54 17.89 22.13 7.54
CA ASP D 54 17.82 22.64 8.91
C ASP D 54 16.52 22.12 9.53
N LEU D 55 16.57 21.78 10.82
CA LEU D 55 15.44 21.31 11.56
C LEU D 55 15.24 22.19 12.80
N PHE D 56 14.11 22.86 12.84
CA PHE D 56 13.76 23.77 13.92
C PHE D 56 12.74 23.09 14.79
N LEU D 57 13.02 23.03 16.08
CA LEU D 57 12.15 22.29 17.00
C LEU D 57 11.31 23.25 17.82
N PRO D 58 10.03 22.89 18.06
CA PRO D 58 9.17 23.74 18.88
C PRO D 58 9.57 23.57 20.36
N GLU D 59 8.99 24.39 21.23
CA GLU D 59 9.32 24.31 22.67
C GLU D 59 8.95 22.93 23.25
N GLY D 60 7.72 22.50 22.98
CA GLY D 60 7.21 21.22 23.49
C GLY D 60 7.34 20.07 22.49
N THR D 61 6.62 18.98 22.74
CA THR D 61 6.68 17.81 21.86
C THR D 61 6.05 18.18 20.53
N PRO D 62 6.73 17.91 19.40
CA PRO D 62 6.12 18.32 18.13
C PRO D 62 4.78 17.68 17.78
N VAL D 63 3.87 18.44 17.23
CA VAL D 63 2.61 17.86 16.78
C VAL D 63 2.81 17.13 15.43
N GLY D 64 3.84 17.49 14.69
CA GLY D 64 4.13 16.86 13.41
C GLY D 64 5.29 17.58 12.75
N LEU D 65 5.43 17.35 11.44
CA LEU D 65 6.52 17.90 10.65
C LEU D 65 6.01 18.80 9.52
N PHE D 66 6.54 20.01 9.45
CA PHE D 66 6.30 20.93 8.35
C PHE D 66 7.61 21.02 7.58
N VAL D 67 7.60 20.69 6.30
CA VAL D 67 8.80 20.88 5.46
C VAL D 67 8.50 22.04 4.53
N PHE D 68 9.39 23.03 4.51
CA PHE D 68 9.27 24.17 3.61
C PHE D 68 10.40 24.10 2.60
N VAL D 69 10.05 24.17 1.32
CA VAL D 69 11.04 24.07 0.27
C VAL D 69 11.11 25.43 -0.44
N HIS D 70 12.28 26.08 -0.39
CA HIS D 70 12.51 27.40 -0.96
C HIS D 70 12.56 27.39 -2.45
N GLY D 71 12.33 28.58 -2.99
CA GLY D 71 12.32 28.86 -4.41
C GLY D 71 13.63 29.47 -4.88
N GLY D 72 13.57 30.00 -6.08
CA GLY D 72 14.77 30.54 -6.80
C GLY D 72 15.01 29.93 -8.18
N TYR D 73 13.96 29.41 -8.80
CA TYR D 73 14.03 28.85 -10.15
C TYR D 73 15.06 27.72 -10.32
N TRP D 74 15.21 26.93 -9.25
CA TRP D 74 16.09 25.77 -9.21
C TRP D 74 17.54 26.15 -9.52
N MSE D 75 17.88 27.43 -9.38
CA MSE D 75 19.18 27.89 -9.78
C MSE D 75 19.83 28.88 -8.84
O MSE D 75 20.93 29.33 -9.15
CB MSE D 75 19.08 28.47 -11.19
CG MSE D 75 18.28 29.72 -11.26
SE MSE D 75 18.30 30.54 -13.07
CE MSE D 75 17.50 29.09 -13.97
N ALA D 76 19.18 29.21 -7.73
CA ALA D 76 19.71 30.18 -6.76
C ALA D 76 19.13 29.93 -5.41
N PHE D 77 19.77 30.54 -4.41
CA PHE D 77 19.43 30.45 -2.98
C PHE D 77 19.75 29.06 -2.36
N ASP D 78 19.76 29.02 -1.04
CA ASP D 78 19.89 27.80 -0.26
C ASP D 78 18.99 27.96 0.94
N LYS D 79 18.95 26.95 1.81
CA LYS D 79 18.09 26.97 2.97
C LYS D 79 18.27 28.15 3.94
N SER D 80 19.46 28.74 3.97
N SER D 80 19.46 28.74 3.96
CA SER D 80 19.76 29.79 4.96
CA SER D 80 19.77 29.79 4.93
C SER D 80 18.99 31.10 4.83
C SER D 80 19.00 31.10 4.82
N SER D 81 18.39 31.36 3.67
CA SER D 81 17.64 32.60 3.49
C SER D 81 16.18 32.55 3.94
N TRP D 82 15.73 31.44 4.53
CA TRP D 82 14.31 31.25 4.81
C TRP D 82 13.92 30.83 6.21
N SER D 83 14.88 30.77 7.13
CA SER D 83 14.67 30.22 8.48
C SER D 83 13.60 30.92 9.26
N HIS D 84 13.58 32.23 9.12
CA HIS D 84 12.56 33.07 9.78
C HIS D 84 11.12 32.69 9.45
N LEU D 85 10.91 32.00 8.33
CA LEU D 85 9.56 31.56 7.95
C LEU D 85 9.05 30.36 8.77
N ALA D 86 9.88 29.79 9.65
CA ALA D 86 9.43 28.69 10.51
C ALA D 86 8.58 29.17 11.68
N VAL D 87 8.63 30.48 11.98
CA VAL D 87 8.00 31.01 13.19
C VAL D 87 6.51 30.69 13.38
N GLY D 88 5.70 30.90 12.34
CA GLY D 88 4.31 30.62 12.42
C GLY D 88 4.02 29.19 12.85
N ALA D 89 4.53 28.23 12.10
CA ALA D 89 4.25 26.82 12.39
C ALA D 89 4.88 26.38 13.72
N LEU D 90 6.08 26.86 13.98
CA LEU D 90 6.75 26.55 15.26
C LEU D 90 5.88 26.89 16.45
N SER D 91 5.24 28.06 16.38
CA SER D 91 4.34 28.55 17.45
C SER D 91 3.16 27.60 17.70
N LYS D 92 2.73 26.85 16.68
CA LYS D 92 1.63 25.90 16.84
C LYS D 92 2.12 24.49 17.19
N GLY D 93 3.41 24.36 17.44
CA GLY D 93 4.02 23.11 17.87
C GLY D 93 4.56 22.17 16.82
N TRP D 94 4.67 22.66 15.58
CA TRP D 94 5.24 21.85 14.48
C TRP D 94 6.75 21.99 14.48
N ALA D 95 7.47 20.90 14.25
CA ALA D 95 8.90 20.96 13.95
C ALA D 95 8.95 21.39 12.49
N VAL D 96 9.99 22.10 12.10
CA VAL D 96 10.08 22.65 10.77
C VAL D 96 11.42 22.35 10.14
N ALA D 97 11.40 21.71 8.96
CA ALA D 97 12.60 21.38 8.26
C ALA D 97 12.66 22.14 6.95
N MSE D 98 13.85 22.67 6.63
CA MSE D 98 14.14 23.40 5.41
C MSE D 98 15.40 22.86 4.74
O MSE D 98 16.53 22.98 5.24
CB MSE D 98 14.24 24.88 5.73
CG MSE D 98 12.99 25.39 6.23
SE MSE D 98 13.19 27.33 6.41
CE MSE D 98 11.37 27.73 6.95
N PRO D 99 15.23 22.13 3.64
CA PRO D 99 16.38 21.59 2.96
C PRO D 99 16.97 22.47 1.92
N SER D 100 18.25 22.22 1.62
CA SER D 100 18.88 22.77 0.46
C SER D 100 18.84 21.67 -0.58
N TYR D 101 19.26 22.02 -1.79
CA TYR D 101 19.28 21.14 -2.94
C TYR D 101 20.31 21.62 -3.96
N GLU D 102 20.86 20.70 -4.73
CA GLU D 102 21.77 21.12 -5.77
C GLU D 102 20.97 21.90 -6.81
N LEU D 103 21.66 22.78 -7.53
CA LEU D 103 21.03 23.71 -8.48
C LEU D 103 21.34 23.40 -9.94
N CYS D 104 20.45 23.85 -10.81
CA CYS D 104 20.71 23.79 -12.21
C CYS D 104 21.70 24.93 -12.42
N PRO D 105 22.66 24.73 -13.33
CA PRO D 105 22.93 23.59 -14.20
C PRO D 105 23.77 22.42 -13.67
N GLU D 106 24.19 22.43 -12.42
CA GLU D 106 24.98 21.28 -11.93
C GLU D 106 24.15 20.00 -12.03
N VAL D 107 22.85 20.09 -11.78
CA VAL D 107 21.97 18.97 -11.85
C VAL D 107 20.74 19.38 -12.66
N ARG D 108 19.91 18.41 -12.99
CA ARG D 108 18.65 18.66 -13.66
C ARG D 108 17.53 18.79 -12.65
N ILE D 109 16.43 19.37 -13.07
CA ILE D 109 15.27 19.52 -12.18
C ILE D 109 14.74 18.16 -11.69
N SER D 110 14.74 17.13 -12.56
CA SER D 110 14.30 15.79 -12.10
C SER D 110 15.18 15.29 -10.97
N GLU D 111 16.47 15.64 -10.97
CA GLU D 111 17.37 15.25 -9.86
C GLU D 111 17.03 15.98 -8.57
N ILE D 112 16.70 17.25 -8.68
CA ILE D 112 16.30 18.04 -7.56
C ILE D 112 15.06 17.41 -6.95
N THR D 113 14.10 17.02 -7.79
CA THR D 113 12.88 16.34 -7.25
C THR D 113 13.28 15.13 -6.39
N GLN D 114 14.19 14.36 -6.94
CA GLN D 114 14.70 13.19 -6.24
C GLN D 114 15.37 13.65 -4.95
N GLN D 115 16.13 14.76 -4.99
CA GLN D 115 16.80 15.24 -3.74
C GLN D 115 15.81 15.60 -2.63
N ILE D 116 14.76 16.29 -3.00
CA ILE D 116 13.72 16.69 -2.05
C ILE D 116 13.00 15.47 -1.48
N SER D 117 12.77 14.45 -2.32
CA SER D 117 12.19 13.21 -1.82
C SER D 117 13.07 12.62 -0.72
N GLN D 118 14.39 12.67 -0.91
CA GLN D 118 15.37 12.19 0.05
C GLN D 118 15.36 13.00 1.33
N ALA D 119 15.23 14.31 1.20
CA ALA D 119 15.20 15.28 2.32
C ALA D 119 13.94 15.12 3.17
N VAL D 120 12.79 15.03 2.50
CA VAL D 120 11.53 14.84 3.19
C VAL D 120 11.55 13.48 3.91
N THR D 121 12.01 12.43 3.25
CA THR D 121 12.09 11.10 3.85
C THR D 121 13.00 11.19 5.11
N ALA D 122 14.11 11.92 5.00
CA ALA D 122 15.03 12.06 6.12
C ALA D 122 14.44 12.87 7.30
N ALA D 123 13.79 13.99 7.00
CA ALA D 123 13.13 14.82 8.04
C ALA D 123 12.04 13.97 8.70
N ALA D 124 11.39 13.11 7.92
CA ALA D 124 10.34 12.24 8.43
C ALA D 124 10.85 11.18 9.42
N LYS D 125 12.14 10.86 9.40
CA LYS D 125 12.73 9.91 10.36
C LYS D 125 13.02 10.62 11.68
N GLU D 126 13.29 11.92 11.63
CA GLU D 126 13.64 12.71 12.82
C GLU D 126 12.40 13.12 13.60
N ILE D 127 11.29 13.35 12.91
CA ILE D 127 10.07 13.82 13.53
C ILE D 127 8.89 12.91 13.24
N ASP D 128 8.21 12.49 14.31
CA ASP D 128 6.99 11.64 14.19
C ASP D 128 5.74 12.48 13.98
N GLY D 129 4.71 11.87 13.38
CA GLY D 129 3.43 12.52 13.17
C GLY D 129 3.06 12.89 11.73
N PRO D 130 1.96 13.64 11.57
CA PRO D 130 1.57 14.06 10.25
C PRO D 130 2.59 14.98 9.66
N ILE D 131 2.62 14.97 8.34
CA ILE D 131 3.53 15.80 7.59
C ILE D 131 2.74 16.77 6.79
N VAL D 132 3.18 18.03 6.83
CA VAL D 132 2.57 19.06 5.98
C VAL D 132 3.73 19.71 5.16
N LEU D 133 3.46 20.05 3.91
CA LEU D 133 4.48 20.62 3.05
C LEU D 133 4.03 21.95 2.49
N ALA D 134 4.98 22.85 2.26
CA ALA D 134 4.69 24.10 1.58
C ALA D 134 5.98 24.44 0.83
N GLY D 135 5.85 25.12 -0.29
CA GLY D 135 7.00 25.46 -1.08
C GLY D 135 6.73 26.69 -1.86
N HIS D 136 7.77 27.49 -2.12
CA HIS D 136 7.55 28.71 -2.84
C HIS D 136 8.17 28.63 -4.21
N SER D 137 7.36 28.90 -5.25
CA SER D 137 7.85 29.08 -6.63
C SER D 137 8.41 27.74 -7.14
N ALA D 138 9.72 27.65 -7.44
CA ALA D 138 10.33 26.32 -7.73
C ALA D 138 10.07 25.35 -6.55
N GLY D 139 10.03 25.86 -5.32
CA GLY D 139 9.81 25.03 -4.14
C GLY D 139 8.37 24.51 -4.09
N GLY D 140 7.47 25.26 -4.74
CA GLY D 140 6.09 24.88 -4.91
C GLY D 140 5.93 23.70 -5.85
N HIS D 141 6.64 23.75 -6.97
CA HIS D 141 6.78 22.63 -7.85
C HIS D 141 7.27 21.43 -7.04
N LEU D 142 8.36 21.61 -6.27
CA LEU D 142 9.01 20.48 -5.58
C LEU D 142 8.11 19.79 -4.57
N VAL D 143 7.40 20.54 -3.75
CA VAL D 143 6.48 19.94 -2.81
C VAL D 143 5.28 19.25 -3.50
N ALA D 144 4.79 19.80 -4.62
CA ALA D 144 3.72 19.17 -5.38
C ALA D 144 4.17 17.79 -5.89
N ARG D 145 5.44 17.69 -6.28
CA ARG D 145 6.01 16.42 -6.78
C ARG D 145 6.05 15.30 -5.71
N MSE D 146 6.00 15.71 -4.44
CA MSE D 146 6.09 14.75 -3.31
C MSE D 146 4.85 13.88 -3.15
O MSE D 146 4.88 12.82 -2.50
CB MSE D 146 6.38 15.53 -2.02
CG MSE D 146 7.69 16.30 -2.02
SE MSE D 146 9.20 15.04 -2.34
CE MSE D 146 9.70 15.57 -4.24
N LEU D 147 3.77 14.30 -3.77
CA LEU D 147 2.55 13.52 -3.81
C LEU D 147 2.54 12.42 -4.91
N ASP D 148 3.64 12.32 -5.66
CA ASP D 148 3.81 11.29 -6.68
C ASP D 148 4.39 10.03 -6.03
N PRO D 149 3.59 8.96 -6.01
CA PRO D 149 4.05 7.70 -5.46
C PRO D 149 5.26 7.05 -6.14
N GLU D 150 5.56 7.47 -7.35
CA GLU D 150 6.74 7.00 -8.05
C GLU D 150 7.96 7.69 -7.48
N VAL D 151 7.76 8.85 -6.85
CA VAL D 151 8.84 9.71 -6.35
C VAL D 151 9.07 9.57 -4.85
N LEU D 152 7.99 9.68 -4.07
CA LEU D 152 8.07 9.62 -2.61
C LEU D 152 7.59 8.27 -2.08
N PRO D 153 8.37 7.62 -1.18
CA PRO D 153 7.95 6.33 -0.67
C PRO D 153 6.64 6.38 0.09
N GLU D 154 5.90 5.28 -0.01
CA GLU D 154 4.60 5.16 0.67
C GLU D 154 4.70 5.34 2.16
N ALA D 155 5.76 4.90 2.83
CA ALA D 155 5.77 5.11 4.29
C ALA D 155 5.66 6.62 4.68
N VAL D 156 6.03 7.49 3.74
CA VAL D 156 6.07 8.92 3.98
C VAL D 156 4.84 9.60 3.42
N GLY D 157 4.48 9.22 2.19
CA GLY D 157 3.32 9.84 1.49
C GLY D 157 2.03 9.68 2.27
N ALA D 158 1.93 8.52 2.91
CA ALA D 158 0.78 8.19 3.76
C ALA D 158 0.60 9.14 4.93
N ARG D 159 1.69 9.74 5.42
CA ARG D 159 1.67 10.71 6.50
C ARG D 159 1.35 12.16 6.11
N ILE D 160 1.37 12.49 4.79
CA ILE D 160 1.14 13.86 4.32
C ILE D 160 -0.33 14.23 4.35
N ARG D 161 -0.62 15.22 5.17
CA ARG D 161 -1.96 15.67 5.43
C ARG D 161 -2.33 16.84 4.55
N ASN D 162 -1.45 17.81 4.49
CA ASN D 162 -1.64 19.04 3.70
C ASN D 162 -0.45 19.34 2.81
N VAL D 163 -0.74 19.84 1.61
CA VAL D 163 0.33 20.37 0.73
C VAL D 163 -0.10 21.75 0.22
N VAL D 164 0.73 22.77 0.43
CA VAL D 164 0.40 24.12 -0.01
C VAL D 164 1.48 24.68 -0.92
N PRO D 165 1.35 24.44 -2.24
CA PRO D 165 2.30 25.03 -3.17
C PRO D 165 1.99 26.53 -3.24
N ILE D 166 3.02 27.35 -2.96
CA ILE D 166 2.87 28.80 -2.92
C ILE D 166 3.49 29.31 -4.18
N SER D 167 2.67 29.94 -5.00
CA SER D 167 3.10 30.48 -6.28
C SER D 167 3.90 29.40 -7.03
N PRO D 168 3.31 28.21 -7.22
CA PRO D 168 4.09 27.18 -7.90
C PRO D 168 4.20 27.29 -9.41
N LEU D 169 5.19 26.57 -9.93
CA LEU D 169 5.30 26.25 -11.37
C LEU D 169 4.68 24.86 -11.42
N SER D 170 3.53 24.76 -12.07
CA SER D 170 2.75 23.55 -12.18
C SER D 170 2.92 22.85 -13.54
N ASP D 171 3.28 23.63 -14.55
CA ASP D 171 3.48 23.13 -15.90
C ASP D 171 4.80 23.72 -16.36
N LEU D 172 5.81 22.87 -16.55
CA LEU D 172 7.15 23.36 -16.90
C LEU D 172 7.31 23.61 -18.41
N ARG D 173 6.29 23.25 -19.18
CA ARG D 173 6.36 23.44 -20.63
C ARG D 173 6.70 24.86 -21.06
N PRO D 174 6.10 25.89 -20.44
CA PRO D 174 6.47 27.24 -20.88
C PRO D 174 7.92 27.62 -20.64
N LEU D 175 8.59 26.94 -19.72
CA LEU D 175 9.98 27.25 -19.44
C LEU D 175 10.93 26.98 -20.65
N LEU D 176 10.47 26.14 -21.59
CA LEU D 176 11.22 25.80 -22.82
C LEU D 176 11.34 27.05 -23.70
N ARG D 177 10.47 28.02 -23.45
CA ARG D 177 10.45 29.31 -24.14
C ARG D 177 11.07 30.42 -23.29
N THR D 178 11.88 30.01 -22.32
CA THR D 178 12.67 30.95 -21.53
C THR D 178 14.17 30.65 -21.65
N SER D 179 14.97 31.70 -21.44
CA SER D 179 16.43 31.59 -21.42
C SER D 179 16.89 30.71 -20.29
N MSE D 180 16.02 30.52 -19.29
CA MSE D 180 16.34 29.64 -18.18
C MSE D 180 16.53 28.21 -18.65
O MSE D 180 17.26 27.45 -18.01
CB MSE D 180 15.26 29.73 -17.11
CG MSE D 180 15.22 31.05 -16.39
SE MSE D 180 13.92 30.98 -14.96
CE MSE D 180 12.29 31.30 -15.99
N ASN D 181 15.95 27.84 -19.78
CA ASN D 181 16.15 26.48 -20.25
C ASN D 181 17.57 26.17 -20.68
N GLU D 182 18.41 27.21 -20.78
CA GLU D 182 19.82 27.04 -21.05
C GLU D 182 20.46 26.32 -19.89
N LYS D 183 19.95 26.54 -18.68
CA LYS D 183 20.37 25.83 -17.47
C LYS D 183 19.59 24.53 -17.18
N PHE D 184 18.26 24.52 -17.42
CA PHE D 184 17.48 23.32 -17.17
C PHE D 184 17.73 22.22 -18.18
N LYS D 185 17.86 22.64 -19.44
CA LYS D 185 18.18 21.73 -20.55
C LYS D 185 17.14 20.65 -20.81
N MSE D 186 15.86 21.04 -20.73
CA MSE D 186 14.77 20.14 -20.97
C MSE D 186 14.31 20.17 -22.39
O MSE D 186 14.32 21.21 -23.05
CB MSE D 186 13.55 20.53 -20.09
CG MSE D 186 13.82 20.29 -18.60
SE MSE D 186 12.34 20.81 -17.46
CE MSE D 186 12.21 22.72 -17.98
N ASP D 187 13.90 19.01 -22.85
CA ASP D 187 13.13 18.89 -24.09
C ASP D 187 11.67 18.73 -23.62
N ALA D 188 10.75 18.64 -24.56
CA ALA D 188 9.35 18.50 -24.22
C ALA D 188 9.07 17.38 -23.24
N ASP D 189 9.67 16.20 -23.44
CA ASP D 189 9.40 15.03 -22.54
C ASP D 189 9.88 15.29 -21.11
N ALA D 190 11.00 15.96 -20.98
CA ALA D 190 11.53 16.22 -19.65
C ALA D 190 10.61 17.18 -18.90
N ALA D 191 10.18 18.24 -19.58
CA ALA D 191 9.26 19.22 -18.97
C ALA D 191 7.96 18.54 -18.56
N ILE D 192 7.40 17.74 -19.47
CA ILE D 192 6.17 16.95 -19.17
C ILE D 192 6.36 16.04 -17.94
N ALA D 193 7.47 15.31 -17.94
CA ALA D 193 7.74 14.37 -16.84
C ALA D 193 7.78 15.08 -15.50
N GLU D 194 8.33 16.28 -15.48
CA GLU D 194 8.46 17.02 -14.21
C GLU D 194 7.34 18.01 -13.85
N SER D 195 6.26 17.99 -14.62
CA SER D 195 5.17 18.91 -14.41
C SER D 195 4.10 18.32 -13.46
N PRO D 196 3.86 18.98 -12.31
CA PRO D 196 2.78 18.55 -11.43
C PRO D 196 1.43 18.30 -12.07
N VAL D 197 1.02 19.12 -13.05
CA VAL D 197 -0.23 18.95 -13.72
C VAL D 197 -0.42 17.61 -14.44
N GLU D 198 0.68 16.87 -14.68
CA GLU D 198 0.55 15.52 -15.28
C GLU D 198 0.37 14.40 -14.29
N MSE D 199 0.53 14.69 -13.02
CA MSE D 199 0.48 13.66 -12.02
C MSE D 199 -0.93 13.14 -11.78
O MSE D 199 -1.87 13.93 -11.66
CB MSE D 199 1.10 14.16 -10.73
CG MSE D 199 2.63 14.40 -10.80
SE MSE D 199 3.18 15.42 -9.23
CE MSE D 199 2.19 14.46 -7.89
N GLN D 200 -1.02 11.80 -11.79
CA GLN D 200 -2.26 11.05 -11.59
C GLN D 200 -2.09 10.13 -10.42
N ASN D 201 -3.20 9.66 -9.87
CA ASN D 201 -3.17 8.74 -8.70
C ASN D 201 -2.18 9.14 -7.60
N ARG D 202 -2.34 10.38 -7.15
CA ARG D 202 -1.48 11.02 -6.19
C ARG D 202 -1.73 10.53 -4.75
N TYR D 203 -0.79 10.80 -3.86
CA TYR D 203 -1.01 10.57 -2.45
C TYR D 203 -2.19 11.48 -2.04
N ASP D 204 -2.96 11.02 -1.04
CA ASP D 204 -4.17 11.74 -0.63
C ASP D 204 -3.75 12.76 0.36
N ALA D 205 -4.15 13.98 0.13
CA ALA D 205 -3.71 15.11 0.94
C ALA D 205 -4.49 16.29 0.39
N LYS D 206 -4.79 17.22 1.27
CA LYS D 206 -5.51 18.38 0.85
C LYS D 206 -4.49 19.36 0.28
N VAL D 207 -4.71 19.71 -0.97
CA VAL D 207 -3.86 20.63 -1.66
C VAL D 207 -4.53 21.99 -1.76
N THR D 208 -3.84 23.02 -1.29
CA THR D 208 -4.30 24.38 -1.42
C THR D 208 -3.23 25.14 -2.19
N VAL D 209 -3.54 25.56 -3.42
CA VAL D 209 -2.62 26.36 -4.23
C VAL D 209 -2.80 27.80 -3.81
N TRP D 210 -1.72 28.34 -3.27
CA TRP D 210 -1.69 29.71 -2.74
C TRP D 210 -0.86 30.62 -3.65
N VAL D 211 -1.42 31.75 -4.10
CA VAL D 211 -0.70 32.65 -5.00
C VAL D 211 -1.08 34.12 -4.70
N GLY D 212 -0.15 35.05 -4.90
CA GLY D 212 -0.42 36.47 -4.66
C GLY D 212 -1.28 37.13 -5.72
N GLY D 213 -2.26 37.93 -5.30
CA GLY D 213 -3.11 38.64 -6.22
C GLY D 213 -2.38 39.64 -7.11
N ALA D 214 -1.22 40.12 -6.66
CA ALA D 214 -0.43 41.11 -7.41
C ALA D 214 0.71 40.49 -8.20
N GLU D 215 0.70 39.15 -8.35
CA GLU D 215 1.75 38.46 -9.10
C GLU D 215 1.62 38.58 -10.60
N ARG D 216 2.66 38.11 -11.31
CA ARG D 216 2.66 38.09 -12.76
C ARG D 216 1.54 37.18 -13.28
N PRO D 217 0.89 37.59 -14.36
CA PRO D 217 -0.13 36.76 -14.99
C PRO D 217 0.31 35.31 -15.17
N ALA D 218 1.60 35.09 -15.47
CA ALA D 218 2.15 33.73 -15.62
C ALA D 218 1.99 32.89 -14.32
N PHE D 219 2.16 33.52 -13.17
CA PHE D 219 2.06 32.76 -11.91
C PHE D 219 0.63 32.51 -11.51
N LEU D 220 -0.26 33.44 -11.76
CA LEU D 220 -1.66 33.23 -11.49
C LEU D 220 -2.13 32.06 -12.36
N ASP D 221 -1.71 32.05 -13.62
CA ASP D 221 -2.01 30.93 -14.57
C ASP D 221 -1.47 29.58 -14.05
N GLN D 222 -0.20 29.58 -13.69
CA GLN D 222 0.39 28.34 -13.21
C GLN D 222 -0.43 27.84 -12.05
N ALA D 223 -0.96 28.78 -11.25
CA ALA D 223 -1.70 28.40 -10.09
C ALA D 223 -3.00 27.76 -10.50
N ILE D 224 -3.75 28.44 -11.33
CA ILE D 224 -5.04 27.95 -11.74
C ILE D 224 -4.94 26.60 -12.49
N TRP D 225 -3.81 26.32 -13.13
CA TRP D 225 -3.65 25.08 -13.88
C TRP D 225 -3.54 23.93 -12.90
N LEU D 226 -2.89 24.17 -11.77
CA LEU D 226 -2.76 23.11 -10.80
C LEU D 226 -4.14 22.92 -10.13
N VAL D 227 -4.80 24.02 -9.82
CA VAL D 227 -6.11 23.96 -9.20
C VAL D 227 -7.05 23.11 -10.04
N GLU D 228 -7.08 23.40 -11.33
CA GLU D 228 -7.92 22.68 -12.29
C GLU D 228 -7.52 21.22 -12.44
N ALA D 229 -6.24 20.97 -12.63
CA ALA D 229 -5.76 19.58 -12.75
C ALA D 229 -6.10 18.67 -11.56
N TRP D 230 -5.95 19.19 -10.34
CA TRP D 230 -6.02 18.36 -9.17
C TRP D 230 -7.29 18.54 -8.31
N ASP D 231 -8.19 19.40 -8.77
CA ASP D 231 -9.36 19.82 -7.98
C ASP D 231 -8.91 20.28 -6.58
N ALA D 232 -7.79 21.02 -6.55
CA ALA D 232 -7.23 21.51 -5.32
C ALA D 232 -7.97 22.77 -4.86
N ASP D 233 -7.81 23.13 -3.61
CA ASP D 233 -8.28 24.45 -3.15
C ASP D 233 -7.37 25.55 -3.75
N HIS D 234 -7.88 26.79 -3.74
CA HIS D 234 -7.21 27.91 -4.37
C HIS D 234 -7.39 29.20 -3.57
N VAL D 235 -6.30 29.81 -3.13
CA VAL D 235 -6.35 31.08 -2.46
C VAL D 235 -5.51 32.09 -3.20
N ILE D 236 -6.10 33.26 -3.45
CA ILE D 236 -5.40 34.37 -4.08
C ILE D 236 -5.24 35.39 -2.96
N ALA D 237 -4.00 35.59 -2.50
CA ALA D 237 -3.68 36.47 -1.39
C ALA D 237 -3.77 37.92 -1.80
N PHE D 238 -4.72 38.64 -1.18
CA PHE D 238 -4.96 40.04 -1.48
C PHE D 238 -3.67 40.92 -1.54
N GLU D 239 -3.40 41.53 -2.69
CA GLU D 239 -2.23 42.43 -2.90
C GLU D 239 -0.81 41.85 -2.78
N LYS D 240 -0.69 40.54 -2.54
CA LYS D 240 0.63 39.95 -2.42
C LYS D 240 1.29 39.75 -3.79
N HIS D 241 2.60 39.92 -3.79
CA HIS D 241 3.42 39.67 -4.95
C HIS D 241 4.31 38.46 -4.62
N HIS D 242 5.13 38.07 -5.59
CA HIS D 242 5.92 36.85 -5.49
C HIS D 242 6.88 36.84 -4.33
N PHE D 243 7.40 38.01 -3.95
CA PHE D 243 8.35 38.08 -2.84
C PHE D 243 7.77 38.20 -1.44
N ASN D 244 6.60 38.78 -1.29
CA ASN D 244 6.02 38.86 0.04
C ASN D 244 4.87 37.92 0.29
N VAL D 245 4.44 37.18 -0.74
CA VAL D 245 3.35 36.18 -0.52
C VAL D 245 3.71 35.22 0.60
N ILE D 246 5.00 34.97 0.73
CA ILE D 246 5.56 34.11 1.79
C ILE D 246 5.68 34.72 3.19
N GLU D 247 5.60 36.04 3.32
CA GLU D 247 5.81 36.71 4.62
C GLU D 247 4.93 36.23 5.76
N PRO D 248 3.62 35.99 5.48
CA PRO D 248 2.71 35.50 6.50
C PRO D 248 3.09 34.17 7.14
N LEU D 249 4.05 33.42 6.57
CA LEU D 249 4.55 32.23 7.22
C LEU D 249 5.19 32.52 8.61
N ALA D 250 5.74 33.71 8.78
CA ALA D 250 6.32 34.09 10.09
C ALA D 250 5.28 34.44 11.16
N ASP D 251 3.99 34.45 10.81
CA ASP D 251 2.90 34.86 11.73
C ASP D 251 2.02 33.71 12.15
N PRO D 252 2.04 33.37 13.44
CA PRO D 252 1.22 32.29 13.97
C PRO D 252 -0.26 32.29 13.65
N GLU D 253 -0.84 33.47 13.51
CA GLU D 253 -2.28 33.62 13.22
C GLU D 253 -2.65 33.79 11.77
N SER D 254 -1.71 33.67 10.85
CA SER D 254 -2.02 33.92 9.46
C SER D 254 -2.92 32.86 8.87
N ASP D 255 -3.68 33.25 7.87
CA ASP D 255 -4.48 32.29 7.13
C ASP D 255 -3.59 31.26 6.46
N LEU D 256 -2.40 31.64 6.05
CA LEU D 256 -1.49 30.72 5.40
C LEU D 256 -1.01 29.63 6.36
N VAL D 257 -0.56 30.04 7.55
CA VAL D 257 -0.09 29.09 8.52
C VAL D 257 -1.24 28.15 8.92
N ALA D 258 -2.44 28.71 9.01
CA ALA D 258 -3.62 27.93 9.37
C ALA D 258 -3.88 26.80 8.38
N VAL D 259 -3.79 27.11 7.08
N VAL D 259 -3.83 27.10 7.08
CA VAL D 259 -4.08 26.11 6.03
CA VAL D 259 -4.06 26.08 6.06
C VAL D 259 -2.98 25.04 5.92
C VAL D 259 -2.99 25.00 6.11
N ILE D 260 -1.73 25.43 6.20
CA ILE D 260 -0.62 24.50 6.21
C ILE D 260 -0.80 23.48 7.34
N THR D 261 -1.23 23.99 8.49
CA THR D 261 -1.43 23.22 9.68
C THR D 261 -2.89 22.74 9.89
N ALA D 262 -3.81 22.97 8.96
CA ALA D 262 -5.23 22.61 9.20
C ALA D 262 -5.46 21.12 9.45
CL CL E . -24.07 -13.95 -2.04
O1 UNL F . -20.00 -32.05 -6.08
O2 UNL F . -19.86 -32.26 -4.88
O3 UNL F . -20.81 -32.71 -4.26
O4 UNL F . -18.59 -32.03 -4.22
O5 UNL F . -18.21 -32.75 -3.09
O6 UNL F . -16.97 -32.57 -2.47
O7 UNL F . -16.07 -31.62 -2.99
O8 UNL F . -16.44 -30.89 -4.12
O9 UNL F . -17.67 -31.08 -4.73
MG MG G . -4.38 11.04 4.41
CL CL H . -18.06 -9.35 19.13
P PO4 I . -9.88 -5.51 4.07
O1 PO4 I . -8.86 -4.64 4.83
O2 PO4 I . -9.28 -5.51 2.66
O3 PO4 I . -11.35 -5.13 3.89
O4 PO4 I . -10.02 -6.77 4.91
O1 UNL J . -29.71 4.95 24.78
O2 UNL J . -28.69 5.57 24.57
O3 UNL J . -27.90 5.69 25.50
O4 UNL J . -28.44 6.15 23.28
O5 UNL J . -27.14 6.36 22.84
O6 UNL J . -26.92 6.94 21.61
O7 UNL J . -27.97 7.36 20.78
O8 UNL J . -29.29 7.17 21.22
O9 UNL J . -29.51 6.56 22.46
CL CL K . 27.21 5.66 -1.04
P PO4 L . 10.11 5.40 -4.08
O1 PO4 L . 11.20 6.29 -3.45
O2 PO4 L . 10.69 5.05 -5.44
O3 PO4 L . 8.69 5.97 -4.39
O4 PO4 L . 9.81 4.23 -3.13
O1 UNL M . 35.75 -8.83 -10.06
O2 UNL M . 35.54 -8.32 -11.16
O3 UNL M . 36.42 -7.62 -11.71
O4 UNL M . 34.31 -8.51 -11.82
O5 UNL M . 34.26 -8.33 -13.21
O6 UNL M . 33.05 -8.50 -13.89
O7 UNL M . 31.90 -8.85 -13.21
O8 UNL M . 31.94 -9.01 -11.83
O9 UNL M . 33.15 -8.85 -11.13
CL CL N . 14.66 17.23 -15.91
O1 UNL O . 12.06 35.00 -9.25
O2 UNL O . 12.95 34.89 -8.39
O3 UNL O . 14.06 35.35 -8.68
O4 UNL O . 12.73 34.26 -7.12
O5 UNL O . 13.62 34.48 -6.04
O6 UNL O . 13.41 33.85 -4.80
O7 UNL O . 12.32 33.02 -4.60
O8 UNL O . 11.44 32.79 -5.67
O9 UNL O . 11.64 33.41 -6.92
#